data_4EL0
#
_entry.id   4EL0
#
_cell.length_a   128.586
_cell.length_b   128.586
_cell.length_c   116.428
_cell.angle_alpha   90.00
_cell.angle_beta   90.00
_cell.angle_gamma   90.00
#
_symmetry.space_group_name_H-M   'P 43 21 2'
#
loop_
_entity.id
_entity.type
_entity.pdbx_description
1 polymer 'Glycogen phosphorylase, muscle form'
2 non-polymer 3-(beta-D-glucopyranosyl)-6-propylfuro[2,3-d]pyrimidin-2(3H)-one
3 water water
#
_entity_poly.entity_id   1
_entity_poly.type   'polypeptide(L)'
_entity_poly.pdbx_seq_one_letter_code
;QISVRGLAGVENVTELKKNFNRHLHFTLVKDRNVATPRDYYFALAHTVRDHLVGRWIRTQQHYYEKDPKRIYYLSLEFYM
GRTLQNTMVNLALENACDEATYQLGLDMEELEEIEEDAGLGNGGLGRLAACFLDSMATLGLAAYGYGIRYEFGIFNQKIC
GGWQMEEADDWLRYGNPWEKARPEFTLPVHFYGRVEHTSQGAKWVDTQVVLAMPYDTPVPGYRNNVVNTMRLWSAKAPND
FNLKDFNVGGYIQAVLDRNLAENISRVLYPNDNFFEGKELRLKQEYFVVAATLQDIIRRFKSSKFGCRDPVRTNFDAFPD
KVAIQLNDTHPSLAIPELMRVLVDLERLDWDKAWEVTVKTCAYTNHTVLPEALERWPVHLLETLLPRHLQIIYEINQRFL
NRVAAAFPGDVDRLRRMSLVEEGAVKRINMAHLCIAGSHAVNGVARIHSEILKKTIFKDFYELEPHKFQNKTNGITPRRW
LVLCNPGLAEIIAERIGEEYISDLDQLRKLLSYVDDEAFIRDVAKVKQENKLKFAAYLEREYKVHINPNSLFDVQVKRIH
EYKRQLLNCLHVITLYNRIKKEPNKFVVPRTVMIGGKAAPGYHMAKMIIKLITAIGDVVNHDPVVGDRLRVIFLENYRVS
LAEKVIPAADLSEQISTAGTEASGTGNM(LLP)FMLNGALTIGTMDGANVEMAEEAGEENFFIFGMRVEDVDRLDQRGYN
AQEYYDRIPELRQIIEQLSSGFFSPKQPDLFKDIVNMLMHHDRFKVFADYEEYVKCQERVSALYKNPREWTRMVIRNIAT
SGKFSSDRTIAQYAREIWGVEPSRQRLPA
;
_entity_poly.pdbx_strand_id   A
#
loop_
_chem_comp.id
_chem_comp.type
_chem_comp.name
_chem_comp.formula
D1K non-polymer 3-(beta-D-glucopyranosyl)-6-propylfuro[2,3-d]pyrimidin-2(3H)-one 'C15 H20 N2 O7'
#
# COMPACT_ATOMS: atom_id res chain seq x y z
N GLN A 1 13.90 23.35 -17.39
CA GLN A 1 13.37 24.35 -16.40
C GLN A 1 14.01 24.27 -14.96
N ILE A 2 13.77 23.14 -14.22
CA ILE A 2 14.37 22.86 -12.88
C ILE A 2 15.39 21.70 -12.95
N SER A 3 16.44 21.75 -12.15
CA SER A 3 17.63 20.93 -12.46
C SER A 3 17.52 19.40 -12.20
N VAL A 4 16.79 18.99 -11.14
CA VAL A 4 16.60 17.56 -10.77
C VAL A 4 15.85 16.80 -11.89
N ARG A 5 15.18 17.53 -12.80
CA ARG A 5 14.49 16.93 -13.95
C ARG A 5 15.37 16.52 -15.16
N GLY A 6 16.70 16.69 -15.04
CA GLY A 6 17.70 16.36 -16.13
C GLY A 6 17.96 17.37 -17.28
N LEU A 7 18.77 16.96 -18.27
CA LEU A 7 19.11 17.82 -19.44
C LEU A 7 18.06 17.78 -20.57
N ALA A 8 17.73 18.94 -21.14
CA ALA A 8 17.09 19.02 -22.45
C ALA A 8 18.11 19.31 -23.58
N GLY A 9 19.04 18.38 -23.82
CA GLY A 9 19.89 18.41 -25.03
C GLY A 9 19.18 18.54 -26.39
N VAL A 10 19.80 19.18 -27.37
CA VAL A 10 19.13 19.44 -28.64
C VAL A 10 18.99 18.16 -29.52
N GLU A 11 19.98 17.29 -29.48
CA GLU A 11 19.79 15.95 -30.05
C GLU A 11 18.57 15.19 -29.43
N ASN A 12 18.56 15.02 -28.10
CA ASN A 12 17.42 14.39 -27.42
C ASN A 12 16.08 14.97 -27.75
N VAL A 13 15.96 16.30 -27.70
CA VAL A 13 14.66 16.93 -27.92
C VAL A 13 14.13 16.62 -29.31
N THR A 14 15.04 16.61 -30.29
CA THR A 14 14.71 16.49 -31.70
C THR A 14 14.32 15.04 -32.00
N GLU A 15 15.09 14.13 -31.45
CA GLU A 15 14.72 12.73 -31.42
C GLU A 15 13.30 12.46 -30.76
N LEU A 16 13.01 12.99 -29.56
CA LEU A 16 11.73 12.80 -28.94
C LEU A 16 10.66 13.32 -29.86
N LYS A 17 10.87 14.52 -30.43
CA LYS A 17 9.82 15.09 -31.27
C LYS A 17 9.49 14.20 -32.43
N LYS A 18 10.47 13.64 -33.08
CA LYS A 18 10.10 12.86 -34.24
C LYS A 18 9.49 11.48 -33.96
N ASN A 19 9.92 10.86 -32.85
CA ASN A 19 9.34 9.63 -32.37
C ASN A 19 7.91 9.85 -31.95
N PHE A 20 7.62 10.98 -31.32
CA PHE A 20 6.27 11.36 -31.03
C PHE A 20 5.36 11.39 -32.28
N ASN A 21 5.81 12.05 -33.34
CA ASN A 21 5.05 12.11 -34.57
C ASN A 21 4.93 10.75 -35.24
N ARG A 22 5.99 9.99 -35.21
CA ARG A 22 5.92 8.65 -35.75
C ARG A 22 4.79 7.90 -35.02
N HIS A 23 4.82 7.85 -33.68
CA HIS A 23 3.80 7.10 -32.97
C HIS A 23 2.40 7.65 -33.27
N LEU A 24 2.26 8.96 -33.42
CA LEU A 24 0.94 9.53 -33.60
C LEU A 24 0.33 8.97 -34.92
N HIS A 25 1.19 8.93 -35.93
CA HIS A 25 0.83 8.54 -37.26
C HIS A 25 0.69 7.02 -37.32
N PHE A 26 1.78 6.31 -37.07
CA PHE A 26 1.78 4.89 -37.19
C PHE A 26 1.08 4.06 -36.08
N THR A 27 1.18 4.51 -34.84
CA THR A 27 0.65 3.70 -33.75
C THR A 27 -0.76 4.07 -33.51
N LEU A 28 -1.04 5.35 -33.50
CA LEU A 28 -2.38 5.77 -33.16
C LEU A 28 -3.26 5.86 -34.38
N VAL A 29 -2.64 6.00 -35.57
CA VAL A 29 -3.35 6.21 -36.84
C VAL A 29 -4.26 7.41 -36.69
N LYS A 30 -3.64 8.54 -36.36
CA LYS A 30 -4.32 9.81 -36.33
C LYS A 30 -3.44 10.80 -37.07
N ASP A 31 -3.97 11.96 -37.47
CA ASP A 31 -3.13 13.11 -37.88
C ASP A 31 -3.46 14.26 -36.93
N ARG A 32 -2.66 15.34 -36.94
CA ARG A 32 -2.82 16.43 -35.93
C ARG A 32 -4.21 17.09 -35.97
N ASN A 33 -5.00 16.93 -37.03
CA ASN A 33 -6.29 17.63 -37.04
C ASN A 33 -7.39 16.84 -36.39
N VAL A 34 -7.12 15.57 -36.12
CA VAL A 34 -8.12 14.76 -35.45
C VAL A 34 -7.76 14.36 -34.02
N ALA A 35 -6.48 14.37 -33.70
CA ALA A 35 -5.99 13.97 -32.37
C ALA A 35 -6.70 14.73 -31.24
N THR A 36 -7.05 13.98 -30.18
CA THR A 36 -7.47 14.58 -28.90
C THR A 36 -6.34 14.49 -27.91
N PRO A 37 -6.44 15.25 -26.79
CA PRO A 37 -5.39 15.09 -25.77
C PRO A 37 -5.07 13.62 -25.40
N ARG A 38 -6.08 12.74 -25.40
CA ARG A 38 -5.81 11.33 -25.12
C ARG A 38 -4.89 10.67 -26.17
N ASP A 39 -5.03 11.05 -27.45
CA ASP A 39 -4.09 10.59 -28.47
C ASP A 39 -2.67 11.12 -28.16
N TYR A 40 -2.58 12.37 -27.75
CA TYR A 40 -1.25 12.92 -27.44
C TYR A 40 -0.56 12.22 -26.28
N TYR A 41 -1.30 12.00 -25.20
CA TYR A 41 -0.85 11.22 -24.09
C TYR A 41 -0.31 9.85 -24.57
N PHE A 42 -1.10 9.16 -25.42
CA PHE A 42 -0.63 7.84 -25.91
C PHE A 42 0.66 7.96 -26.69
N ALA A 43 0.76 8.99 -27.54
CA ALA A 43 1.94 9.16 -28.37
C ALA A 43 3.20 9.38 -27.49
N LEU A 44 3.10 10.27 -26.52
CA LEU A 44 4.17 10.40 -25.52
C LEU A 44 4.39 9.09 -24.74
N ALA A 45 3.35 8.42 -24.26
CA ALA A 45 3.56 7.15 -23.52
C ALA A 45 4.30 6.16 -24.41
N HIS A 46 3.90 6.08 -25.68
CA HIS A 46 4.66 5.17 -26.55
C HIS A 46 6.13 5.60 -26.79
N THR A 47 6.39 6.90 -26.83
CA THR A 47 7.70 7.42 -27.11
C THR A 47 8.63 7.14 -25.89
N VAL A 48 8.09 7.37 -24.69
CA VAL A 48 8.89 7.09 -23.52
C VAL A 48 9.13 5.57 -23.29
N ARG A 49 8.12 4.75 -23.53
CA ARG A 49 8.28 3.32 -23.49
C ARG A 49 9.35 2.85 -24.43
N ASP A 50 9.51 3.49 -25.58
CA ASP A 50 10.61 3.08 -26.44
C ASP A 50 11.96 3.21 -25.73
N HIS A 51 12.14 4.18 -24.84
CA HIS A 51 13.44 4.23 -24.13
C HIS A 51 13.69 3.11 -23.13
N LEU A 52 12.64 2.46 -22.68
CA LEU A 52 12.78 1.38 -21.72
C LEU A 52 13.29 0.11 -22.36
N VAL A 53 12.91 -0.18 -23.61
CA VAL A 53 12.97 -1.58 -24.02
C VAL A 53 14.40 -2.05 -24.18
N GLY A 54 15.25 -1.16 -24.65
CA GLY A 54 16.66 -1.54 -24.88
C GLY A 54 17.20 -1.99 -23.55
N ARG A 55 16.93 -1.17 -22.55
CA ARG A 55 17.39 -1.42 -21.18
C ARG A 55 16.71 -2.67 -20.57
N TRP A 56 15.41 -2.83 -20.82
CA TRP A 56 14.69 -4.03 -20.39
C TRP A 56 15.30 -5.34 -20.93
N ILE A 57 15.48 -5.44 -22.25
CA ILE A 57 16.10 -6.60 -22.88
C ILE A 57 17.52 -6.90 -22.35
N ARG A 58 18.33 -5.87 -22.13
CA ARG A 58 19.63 -6.18 -21.61
C ARG A 58 19.75 -6.43 -20.16
N THR A 59 18.84 -5.88 -19.36
CA THR A 59 18.81 -6.28 -17.96
C THR A 59 18.48 -7.80 -17.84
N GLN A 60 17.44 -8.26 -18.54
CA GLN A 60 17.07 -9.69 -18.56
C GLN A 60 18.21 -10.59 -19.10
N GLN A 61 18.79 -10.23 -20.24
CA GLN A 61 20.07 -10.84 -20.71
C GLN A 61 21.19 -10.84 -19.64
N HIS A 62 21.49 -9.71 -19.02
CA HIS A 62 22.49 -9.69 -17.93
C HIS A 62 22.18 -10.74 -16.85
N TYR A 63 20.92 -10.85 -16.40
CA TYR A 63 20.63 -11.87 -15.40
C TYR A 63 20.83 -13.28 -15.91
N TYR A 64 20.59 -13.50 -17.19
CA TYR A 64 20.89 -14.82 -17.77
C TYR A 64 22.38 -15.18 -17.65
N GLU A 65 23.30 -14.24 -17.97
CA GLU A 65 24.75 -14.51 -17.93
C GLU A 65 25.30 -14.58 -16.52
N LYS A 66 25.03 -13.57 -15.71
CA LYS A 66 25.53 -13.59 -14.35
C LYS A 66 24.84 -14.60 -13.43
N ASP A 67 23.65 -15.10 -13.79
CA ASP A 67 22.91 -16.01 -12.89
C ASP A 67 22.93 -15.66 -11.37
N PRO A 68 22.52 -14.43 -10.98
CA PRO A 68 22.52 -14.14 -9.53
C PRO A 68 21.33 -14.82 -8.82
N LYS A 69 21.33 -14.90 -7.49
CA LYS A 69 20.13 -15.32 -6.78
C LYS A 69 18.97 -14.36 -7.14
N ARG A 70 17.83 -14.97 -7.45
CA ARG A 70 16.62 -14.27 -7.85
C ARG A 70 15.62 -14.08 -6.72
N ILE A 71 15.09 -12.88 -6.57
CA ILE A 71 14.00 -12.57 -5.59
C ILE A 71 12.64 -12.53 -6.25
N TYR A 72 11.72 -13.29 -5.65
CA TYR A 72 10.37 -13.27 -6.12
C TYR A 72 9.44 -12.72 -5.06
N TYR A 73 8.86 -11.56 -5.37
CA TYR A 73 7.98 -10.91 -4.45
C TYR A 73 6.51 -11.23 -4.85
N LEU A 74 5.87 -12.10 -4.08
CA LEU A 74 4.48 -12.52 -4.34
C LEU A 74 3.49 -11.71 -3.61
N SER A 75 2.58 -11.06 -4.32
CA SER A 75 1.62 -10.22 -3.64
C SER A 75 0.35 -10.28 -4.47
N LEU A 76 -0.83 -10.13 -3.86
CA LEU A 76 -2.05 -10.09 -4.60
C LEU A 76 -2.33 -8.65 -4.94
N GLU A 77 -1.46 -7.73 -4.46
CA GLU A 77 -1.72 -6.32 -4.68
C GLU A 77 -0.47 -5.60 -5.09
N PHE A 78 -0.59 -4.82 -6.18
CA PHE A 78 0.48 -3.90 -6.57
C PHE A 78 -0.19 -2.60 -6.84
N TYR A 79 -0.04 -1.66 -5.92
CA TYR A 79 -0.75 -0.39 -6.10
C TYR A 79 0.17 0.60 -6.77
N MET A 80 0.20 0.49 -8.11
CA MET A 80 1.19 1.15 -8.97
C MET A 80 0.95 2.65 -9.22
N GLY A 81 -0.30 3.05 -9.41
CA GLY A 81 -0.61 4.44 -9.79
C GLY A 81 -0.24 4.71 -11.25
N ARG A 82 0.10 5.95 -11.61
CA ARG A 82 0.55 6.22 -12.98
C ARG A 82 1.98 5.91 -13.17
N THR A 83 2.28 5.48 -14.40
CA THR A 83 3.59 5.05 -14.83
C THR A 83 4.34 6.13 -15.66
N LEU A 84 3.69 7.12 -16.26
CA LEU A 84 4.43 7.97 -17.27
C LEU A 84 5.58 8.81 -16.67
N GLN A 85 5.20 9.64 -15.71
CA GLN A 85 6.13 10.54 -15.05
C GLN A 85 7.19 9.77 -14.30
N ASN A 86 6.81 8.67 -13.64
CA ASN A 86 7.78 7.88 -12.88
C ASN A 86 8.81 7.37 -13.84
N THR A 87 8.36 6.92 -15.01
CA THR A 87 9.29 6.41 -15.96
C THR A 87 10.27 7.54 -16.44
N MET A 88 9.72 8.73 -16.70
CA MET A 88 10.55 9.87 -17.13
C MET A 88 11.56 10.21 -16.05
N VAL A 89 11.10 10.32 -14.82
CA VAL A 89 11.99 10.60 -13.73
C VAL A 89 13.15 9.62 -13.67
N ASN A 90 12.90 8.33 -13.83
CA ASN A 90 13.95 7.37 -13.56
C ASN A 90 14.93 7.22 -14.69
N LEU A 91 14.51 7.79 -15.81
CA LEU A 91 15.28 7.67 -17.02
C LEU A 91 15.92 9.04 -17.30
N ALA A 92 15.59 10.04 -16.52
CA ALA A 92 16.15 11.38 -16.66
C ALA A 92 15.66 12.06 -17.93
N LEU A 93 14.43 11.74 -18.36
CA LEU A 93 13.84 12.29 -19.60
C LEU A 93 12.87 13.40 -19.35
N GLU A 94 12.66 13.74 -18.10
CA GLU A 94 11.60 14.63 -17.77
C GLU A 94 11.66 16.02 -18.45
N ASN A 95 12.83 16.66 -18.41
CA ASN A 95 12.96 18.01 -19.00
C ASN A 95 12.98 17.97 -20.52
N ALA A 96 13.69 16.97 -21.06
CA ALA A 96 13.65 16.70 -22.46
C ALA A 96 12.19 16.54 -22.99
N CYS A 97 11.37 15.69 -22.37
CA CYS A 97 9.99 15.57 -22.82
C CYS A 97 9.17 16.82 -22.62
N ASP A 98 9.40 17.54 -21.50
CA ASP A 98 8.77 18.85 -21.30
C ASP A 98 9.06 19.79 -22.45
N GLU A 99 10.35 19.89 -22.80
CA GLU A 99 10.82 20.66 -23.95
C GLU A 99 10.23 20.13 -25.26
N ALA A 100 10.38 18.85 -25.56
CA ALA A 100 9.83 18.31 -26.81
C ALA A 100 8.32 18.56 -26.97
N THR A 101 7.57 18.44 -25.89
CA THR A 101 6.12 18.59 -26.02
C THR A 101 5.69 20.05 -26.12
N TYR A 102 6.37 20.94 -25.37
CA TYR A 102 6.20 22.42 -25.50
C TYR A 102 6.40 22.91 -26.96
N GLN A 103 7.49 22.44 -27.60
CA GLN A 103 7.78 22.77 -29.02
C GLN A 103 6.69 22.31 -30.02
N LEU A 104 5.99 21.21 -29.70
CA LEU A 104 4.86 20.72 -30.46
C LEU A 104 3.62 21.45 -30.02
N GLY A 105 3.77 22.37 -29.08
CA GLY A 105 2.59 23.15 -28.68
C GLY A 105 1.71 22.42 -27.71
N LEU A 106 2.28 21.49 -26.94
CA LEU A 106 1.47 20.75 -25.95
C LEU A 106 1.92 21.02 -24.51
N ASP A 107 1.02 20.87 -23.55
CA ASP A 107 1.38 20.97 -22.13
C ASP A 107 1.49 19.55 -21.56
N MET A 108 2.70 19.13 -21.22
CA MET A 108 2.94 17.79 -20.73
C MET A 108 2.11 17.45 -19.47
N GLU A 109 1.95 18.43 -18.60
CA GLU A 109 1.26 18.18 -17.35
C GLU A 109 -0.18 17.85 -17.55
N GLU A 110 -0.75 18.49 -18.55
CA GLU A 110 -2.12 18.25 -18.95
C GLU A 110 -2.25 16.84 -19.53
N LEU A 111 -1.23 16.40 -20.26
CA LEU A 111 -1.21 15.01 -20.81
C LEU A 111 -1.07 13.90 -19.69
N GLU A 112 -0.21 14.16 -18.67
CA GLU A 112 -0.02 13.29 -17.50
C GLU A 112 -1.34 13.01 -16.77
N GLU A 113 -2.22 14.01 -16.72
CA GLU A 113 -3.54 13.90 -16.06
C GLU A 113 -4.48 12.94 -16.70
N ILE A 114 -4.13 12.46 -17.88
CA ILE A 114 -5.00 11.60 -18.68
C ILE A 114 -4.81 10.15 -18.40
N GLU A 115 -3.58 9.78 -17.99
CA GLU A 115 -3.24 8.42 -17.62
C GLU A 115 -4.17 7.94 -16.45
N GLU A 116 -4.79 6.77 -16.62
CA GLU A 116 -5.52 6.09 -15.51
C GLU A 116 -4.47 5.56 -14.52
N ASP A 117 -4.70 5.71 -13.21
CA ASP A 117 -4.03 4.82 -12.21
C ASP A 117 -4.10 3.33 -12.42
N ALA A 118 -2.99 2.61 -12.27
CA ALA A 118 -3.19 1.19 -12.09
C ALA A 118 -3.56 0.97 -10.59
N GLY A 119 -4.86 0.90 -10.26
CA GLY A 119 -5.32 0.74 -8.88
C GLY A 119 -5.44 -0.73 -8.53
N LEU A 120 -4.36 -1.49 -8.69
CA LEU A 120 -4.41 -2.91 -8.36
C LEU A 120 -4.08 -3.16 -6.91
N GLY A 121 -4.56 -2.31 -5.99
CA GLY A 121 -4.41 -2.62 -4.58
C GLY A 121 -5.38 -1.80 -3.75
N ASN A 122 -5.48 -2.07 -2.43
CA ASN A 122 -6.46 -1.36 -1.59
C ASN A 122 -5.88 -0.15 -0.85
N GLY A 123 -4.65 -0.27 -0.36
CA GLY A 123 -3.99 0.80 0.39
C GLY A 123 -2.56 0.46 0.71
N GLY A 124 -2.26 0.30 2.01
CA GLY A 124 -0.87 0.38 2.49
C GLY A 124 -0.06 -0.77 1.96
N LEU A 125 -0.62 -1.97 2.07
CA LEU A 125 0.04 -3.23 1.72
C LEU A 125 0.32 -3.27 0.19
N GLY A 126 -0.65 -2.86 -0.62
CA GLY A 126 -0.43 -2.88 -2.06
C GLY A 126 0.57 -1.83 -2.49
N ARG A 127 0.53 -0.65 -1.83
CA ARG A 127 1.46 0.45 -2.16
C ARG A 127 2.87 0.08 -1.68
N LEU A 128 2.99 -0.69 -0.60
CA LEU A 128 4.31 -1.11 -0.15
C LEU A 128 5.00 -1.96 -1.22
N ALA A 129 4.19 -2.82 -1.83
CA ALA A 129 4.65 -3.69 -2.89
C ALA A 129 5.20 -2.83 -4.06
N ALA A 130 4.49 -1.76 -4.42
CA ALA A 130 4.97 -0.81 -5.47
C ALA A 130 6.29 -0.07 -5.14
N CYS A 131 6.42 0.47 -3.93
CA CYS A 131 7.64 1.10 -3.49
C CYS A 131 8.78 0.09 -3.49
N PHE A 132 8.48 -1.12 -3.04
CA PHE A 132 9.48 -2.17 -3.05
C PHE A 132 10.01 -2.47 -4.42
N LEU A 133 9.14 -2.59 -5.45
CA LEU A 133 9.66 -2.91 -6.79
C LEU A 133 10.64 -1.83 -7.25
N ASP A 134 10.26 -0.57 -7.05
CA ASP A 134 11.09 0.58 -7.39
C ASP A 134 12.47 0.50 -6.68
N SER A 135 12.46 0.27 -5.35
CA SER A 135 13.68 0.15 -4.61
C SER A 135 14.51 -1.02 -5.06
N MET A 136 13.85 -2.14 -5.38
CA MET A 136 14.59 -3.28 -5.83
C MET A 136 15.36 -3.02 -7.14
N ALA A 137 14.73 -2.29 -8.07
CA ALA A 137 15.30 -2.00 -9.36
C ALA A 137 16.43 -1.01 -9.13
N THR A 138 16.20 -0.01 -8.27
CA THR A 138 17.23 0.98 -7.96
C THR A 138 18.48 0.34 -7.29
N LEU A 139 18.34 -0.79 -6.59
CA LEU A 139 19.44 -1.32 -5.86
C LEU A 139 20.00 -2.47 -6.63
N GLY A 140 19.62 -2.59 -7.91
CA GLY A 140 20.23 -3.65 -8.74
C GLY A 140 19.93 -5.08 -8.34
N LEU A 141 18.83 -5.36 -7.66
CA LEU A 141 18.54 -6.75 -7.34
C LEU A 141 17.80 -7.43 -8.50
N ALA A 142 18.14 -8.70 -8.73
CA ALA A 142 17.47 -9.45 -9.75
C ALA A 142 16.08 -9.93 -9.26
N ALA A 143 15.09 -9.03 -9.33
CA ALA A 143 13.86 -9.18 -8.51
C ALA A 143 12.68 -9.12 -9.44
N TYR A 144 11.66 -9.93 -9.15
CA TYR A 144 10.46 -10.02 -9.99
C TYR A 144 9.24 -9.87 -9.16
N GLY A 145 8.35 -8.95 -9.53
CA GLY A 145 7.05 -8.88 -8.84
C GLY A 145 6.08 -9.84 -9.52
N TYR A 146 5.37 -10.63 -8.74
CA TYR A 146 4.35 -11.52 -9.31
C TYR A 146 2.98 -11.34 -8.67
N GLY A 147 1.96 -11.14 -9.48
CA GLY A 147 0.62 -10.88 -8.99
C GLY A 147 -0.40 -11.24 -10.06
N ILE A 148 -1.56 -10.59 -9.99
CA ILE A 148 -2.70 -10.91 -10.84
C ILE A 148 -3.04 -9.68 -11.64
N ARG A 149 -3.25 -9.79 -12.96
CA ARG A 149 -3.69 -8.61 -13.76
C ARG A 149 -5.19 -8.43 -13.56
N TYR A 150 -5.62 -7.68 -12.55
CA TYR A 150 -7.09 -7.59 -12.41
C TYR A 150 -7.66 -6.75 -13.54
N GLU A 151 -8.79 -7.20 -14.04
CA GLU A 151 -9.42 -6.39 -15.06
C GLU A 151 -10.10 -5.11 -14.46
N PHE A 152 -10.60 -5.21 -13.23
CA PHE A 152 -11.08 -4.06 -12.47
C PHE A 152 -10.31 -3.98 -11.15
N GLY A 153 -9.71 -2.82 -10.90
CA GLY A 153 -8.92 -2.50 -9.71
C GLY A 153 -9.90 -2.03 -8.64
N ILE A 154 -9.36 -1.36 -7.61
CA ILE A 154 -10.20 -0.81 -6.57
C ILE A 154 -11.25 0.11 -7.22
N PHE A 155 -12.47 0.07 -6.74
CA PHE A 155 -13.53 0.85 -7.31
C PHE A 155 -13.28 2.40 -7.25
N ASN A 156 -13.77 3.12 -8.27
CA ASN A 156 -13.93 4.52 -8.16
C ASN A 156 -15.02 4.88 -7.16
N GLN A 157 -14.70 5.79 -6.24
CA GLN A 157 -15.66 6.33 -5.23
C GLN A 157 -16.35 7.65 -5.67
N LYS A 158 -17.68 7.61 -5.67
CA LYS A 158 -18.50 8.75 -5.97
C LYS A 158 -19.27 9.00 -4.67
N ILE A 159 -19.43 10.24 -4.27
CA ILE A 159 -20.25 10.63 -3.16
C ILE A 159 -21.57 11.21 -3.72
N CYS A 160 -22.73 10.63 -3.38
CA CYS A 160 -24.05 11.16 -3.71
C CYS A 160 -24.81 11.37 -2.45
N GLY A 161 -25.35 12.57 -2.29
CA GLY A 161 -26.00 12.96 -1.04
C GLY A 161 -25.17 12.63 0.21
N GLY A 162 -23.86 12.84 0.11
CA GLY A 162 -22.95 12.43 1.16
C GLY A 162 -22.70 10.93 1.39
N TRP A 163 -23.25 10.02 0.56
CA TRP A 163 -22.94 8.60 0.66
C TRP A 163 -21.93 8.13 -0.41
N GLN A 164 -21.02 7.22 -0.04
CA GLN A 164 -20.18 6.47 -0.99
C GLN A 164 -21.04 5.69 -1.97
N MET A 165 -20.89 5.92 -3.27
CA MET A 165 -21.31 4.98 -4.29
C MET A 165 -20.04 4.39 -4.97
N GLU A 166 -20.09 3.11 -5.34
CA GLU A 166 -18.97 2.46 -5.95
C GLU A 166 -19.26 2.28 -7.41
N GLU A 167 -18.24 2.48 -8.22
CA GLU A 167 -18.42 2.21 -9.58
C GLU A 167 -17.13 1.58 -10.07
N ALA A 168 -17.28 0.78 -11.10
CA ALA A 168 -16.28 -0.14 -11.58
C ALA A 168 -15.13 0.66 -12.12
N ASP A 169 -13.89 0.23 -11.80
CA ASP A 169 -12.70 0.90 -12.26
C ASP A 169 -12.25 0.22 -13.53
N ASP A 170 -12.69 0.72 -14.66
CA ASP A 170 -12.45 0.04 -15.94
C ASP A 170 -11.14 0.55 -16.53
N TRP A 171 -10.03 0.30 -15.83
CA TRP A 171 -8.73 0.99 -16.10
C TRP A 171 -8.10 0.65 -17.44
N LEU A 172 -8.51 -0.47 -18.03
CA LEU A 172 -8.08 -0.89 -19.37
C LEU A 172 -8.92 -0.43 -20.61
N ARG A 173 -10.04 0.26 -20.40
CA ARG A 173 -10.91 0.71 -21.51
C ARG A 173 -10.08 1.12 -22.74
N TYR A 174 -9.08 1.99 -22.55
CA TYR A 174 -8.34 2.63 -23.65
C TYR A 174 -7.04 1.95 -23.95
N GLY A 175 -6.75 0.83 -23.31
CA GLY A 175 -5.45 0.16 -23.45
C GLY A 175 -4.39 0.55 -22.41
N ASN A 176 -3.41 -0.31 -22.21
CA ASN A 176 -2.34 -0.03 -21.28
C ASN A 176 -1.06 -0.19 -22.12
N PRO A 177 -0.41 0.92 -22.42
CA PRO A 177 0.82 0.91 -23.22
C PRO A 177 2.01 0.31 -22.47
N TRP A 178 1.98 0.26 -21.15
CA TRP A 178 3.11 -0.24 -20.42
C TRP A 178 3.26 -1.74 -20.45
N GLU A 179 2.19 -2.51 -20.67
CA GLU A 179 2.30 -3.94 -20.51
C GLU A 179 2.61 -4.61 -21.84
N LYS A 180 3.30 -5.75 -21.79
CA LYS A 180 3.46 -6.64 -22.95
C LYS A 180 2.89 -8.04 -22.64
N ALA A 181 1.82 -8.40 -23.34
CA ALA A 181 1.24 -9.74 -23.27
C ALA A 181 2.31 -10.73 -23.68
N ARG A 182 2.40 -11.81 -22.94
CA ARG A 182 3.29 -12.88 -23.33
C ARG A 182 2.51 -14.21 -23.44
N PRO A 183 1.54 -14.31 -24.39
CA PRO A 183 0.71 -15.59 -24.44
C PRO A 183 1.54 -16.84 -24.68
N GLU A 184 2.68 -16.71 -25.31
CA GLU A 184 3.67 -17.80 -25.38
C GLU A 184 4.16 -18.38 -24.08
N PHE A 185 3.89 -17.74 -22.95
CA PHE A 185 4.38 -18.31 -21.69
C PHE A 185 3.27 -18.77 -20.74
N THR A 186 2.09 -18.95 -21.33
CA THR A 186 0.91 -19.45 -20.67
C THR A 186 1.13 -20.81 -20.04
N LEU A 187 0.45 -21.03 -18.92
CA LEU A 187 0.76 -22.15 -18.06
C LEU A 187 -0.57 -22.61 -17.54
N PRO A 188 -0.72 -23.93 -17.29
CA PRO A 188 -1.97 -24.49 -16.74
C PRO A 188 -1.97 -24.41 -15.22
N VAL A 189 -3.14 -24.10 -14.63
CA VAL A 189 -3.34 -24.15 -13.19
C VAL A 189 -4.50 -25.11 -12.97
N HIS A 190 -4.38 -26.00 -11.98
CA HIS A 190 -5.44 -26.99 -11.67
C HIS A 190 -6.29 -26.67 -10.48
N PHE A 191 -7.56 -27.05 -10.54
CA PHE A 191 -8.53 -26.94 -9.42
C PHE A 191 -9.45 -28.23 -9.30
N TYR A 192 -9.99 -28.44 -8.10
CA TYR A 192 -10.91 -29.58 -7.79
C TYR A 192 -10.16 -30.92 -7.91
N GLY A 193 -10.78 -31.89 -8.60
CA GLY A 193 -10.19 -33.23 -8.82
C GLY A 193 -10.20 -34.02 -7.55
N ARG A 194 -9.32 -35.00 -7.44
CA ARG A 194 -9.28 -35.87 -6.27
C ARG A 194 -7.87 -36.41 -6.16
N VAL A 195 -7.58 -37.08 -5.05
CA VAL A 195 -6.27 -37.63 -4.87
C VAL A 195 -6.31 -39.16 -5.01
N GLU A 196 -5.38 -39.67 -5.81
CA GLU A 196 -5.19 -41.08 -6.00
C GLU A 196 -3.83 -41.49 -5.47
N HIS A 197 -3.81 -42.60 -4.72
CA HIS A 197 -2.55 -43.20 -4.23
C HIS A 197 -2.11 -44.36 -5.10
N THR A 198 -0.96 -44.18 -5.72
CA THR A 198 -0.30 -45.26 -6.43
C THR A 198 0.79 -45.81 -5.53
N SER A 199 1.40 -46.88 -6.03
CA SER A 199 2.69 -47.42 -5.57
C SER A 199 3.80 -46.35 -5.70
N GLN A 200 3.81 -45.70 -6.87
CA GLN A 200 4.68 -44.56 -7.17
C GLN A 200 4.25 -43.17 -6.54
N GLY A 201 3.62 -43.16 -5.36
CA GLY A 201 3.20 -41.94 -4.68
C GLY A 201 1.80 -41.41 -5.00
N ALA A 202 1.43 -40.29 -4.37
CA ALA A 202 0.12 -39.62 -4.62
C ALA A 202 0.02 -38.90 -6.00
N LYS A 203 -1.17 -38.84 -6.59
CA LYS A 203 -1.37 -38.22 -7.88
C LYS A 203 -2.66 -37.44 -7.80
N TRP A 204 -2.63 -36.21 -8.34
CA TRP A 204 -3.79 -35.31 -8.33
C TRP A 204 -4.46 -35.39 -9.71
N VAL A 205 -5.71 -35.87 -9.79
CA VAL A 205 -6.38 -36.17 -11.11
C VAL A 205 -7.79 -35.60 -11.22
N ASP A 206 -8.34 -35.65 -12.44
CA ASP A 206 -9.70 -35.16 -12.74
C ASP A 206 -9.85 -33.72 -12.36
N THR A 207 -8.81 -32.95 -12.64
CA THR A 207 -8.83 -31.53 -12.29
C THR A 207 -9.45 -30.73 -13.42
N GLN A 208 -10.07 -29.62 -13.09
CA GLN A 208 -10.35 -28.57 -14.07
C GLN A 208 -9.08 -27.74 -14.26
N VAL A 209 -8.88 -27.32 -15.50
CA VAL A 209 -7.72 -26.58 -15.89
C VAL A 209 -8.11 -25.14 -16.21
N VAL A 210 -7.49 -24.20 -15.55
CA VAL A 210 -7.57 -22.81 -15.95
C VAL A 210 -6.20 -22.35 -16.51
N LEU A 211 -6.17 -21.62 -17.63
CA LEU A 211 -4.86 -21.16 -18.09
C LEU A 211 -4.47 -19.79 -17.48
N ALA A 212 -3.19 -19.66 -17.13
CA ALA A 212 -2.64 -18.40 -16.63
C ALA A 212 -1.77 -17.75 -17.69
N MET A 213 -2.18 -16.62 -18.23
CA MET A 213 -1.40 -15.94 -19.28
C MET A 213 -0.69 -14.73 -18.67
N PRO A 214 0.67 -14.59 -18.82
CA PRO A 214 1.37 -13.50 -18.17
C PRO A 214 1.40 -12.21 -19.00
N TYR A 215 1.29 -11.06 -18.34
CA TYR A 215 1.62 -9.74 -18.93
C TYR A 215 2.78 -9.13 -18.20
N ASP A 216 3.82 -8.72 -18.91
CA ASP A 216 5.03 -8.13 -18.26
C ASP A 216 5.01 -6.59 -18.27
N THR A 217 5.27 -5.95 -17.15
CA THR A 217 5.35 -4.51 -17.12
C THR A 217 6.75 -4.16 -16.65
N PRO A 218 7.40 -3.21 -17.35
CA PRO A 218 8.80 -2.84 -16.93
C PRO A 218 8.86 -2.04 -15.62
N VAL A 219 9.87 -2.28 -14.81
CA VAL A 219 10.12 -1.51 -13.58
C VAL A 219 11.50 -0.91 -13.62
N PRO A 220 11.61 0.38 -14.01
CA PRO A 220 12.93 1.00 -14.16
C PRO A 220 13.60 1.39 -12.82
N GLY A 221 14.87 1.06 -12.63
CA GLY A 221 15.55 1.61 -11.46
C GLY A 221 15.88 3.12 -11.63
N TYR A 222 16.25 3.82 -10.55
CA TYR A 222 16.64 5.24 -10.68
C TYR A 222 18.01 5.49 -11.36
N ARG A 223 17.95 5.95 -12.61
CA ARG A 223 19.15 6.33 -13.35
C ARG A 223 20.25 5.26 -13.33
N ASN A 224 19.93 3.99 -13.15
CA ASN A 224 21.00 3.01 -13.22
C ASN A 224 20.93 2.07 -14.43
N ASN A 225 20.01 2.38 -15.33
CA ASN A 225 19.72 1.51 -16.47
C ASN A 225 19.27 0.11 -16.11
N VAL A 226 18.79 -0.12 -14.90
CA VAL A 226 18.25 -1.44 -14.60
C VAL A 226 16.74 -1.36 -14.89
N VAL A 227 16.20 -2.37 -15.55
CA VAL A 227 14.77 -2.50 -15.77
C VAL A 227 14.37 -3.94 -15.37
N ASN A 228 13.65 -4.02 -14.22
CA ASN A 228 13.14 -5.28 -13.74
C ASN A 228 11.73 -5.50 -14.29
N THR A 229 11.18 -6.65 -13.96
CA THR A 229 9.90 -7.08 -14.52
C THR A 229 8.87 -7.28 -13.45
N MET A 230 7.68 -6.78 -13.70
CA MET A 230 6.48 -7.14 -12.91
C MET A 230 5.61 -8.03 -13.78
N ARG A 231 5.38 -9.28 -13.37
CA ARG A 231 4.61 -10.24 -14.17
C ARG A 231 3.24 -10.52 -13.50
N LEU A 232 2.16 -10.22 -14.21
CA LEU A 232 0.83 -10.32 -13.65
C LEU A 232 0.05 -11.34 -14.52
N TRP A 233 -0.59 -12.31 -13.89
CA TRP A 233 -1.26 -13.39 -14.61
C TRP A 233 -2.72 -13.00 -14.82
N SER A 234 -3.23 -13.38 -15.98
CA SER A 234 -4.63 -13.26 -16.36
C SER A 234 -5.17 -14.68 -16.62
N ALA A 235 -6.44 -14.89 -16.31
CA ALA A 235 -7.05 -16.21 -16.39
C ALA A 235 -7.67 -16.39 -17.76
N LYS A 236 -7.45 -17.53 -18.40
CA LYS A 236 -8.06 -17.80 -19.71
C LYS A 236 -8.60 -19.22 -19.69
N ALA A 237 -9.74 -19.45 -20.36
CA ALA A 237 -10.28 -20.82 -20.46
C ALA A 237 -9.51 -21.62 -21.44
N PRO A 238 -9.36 -22.93 -21.22
CA PRO A 238 -8.78 -23.71 -22.34
C PRO A 238 -9.78 -23.90 -23.47
N ASN A 239 -9.33 -24.37 -24.63
CA ASN A 239 -10.24 -24.37 -25.82
C ASN A 239 -11.26 -25.48 -25.98
N ASP A 240 -10.91 -26.65 -25.41
CA ASP A 240 -11.84 -27.76 -25.34
C ASP A 240 -12.78 -27.59 -24.13
N PHE A 241 -12.75 -26.40 -23.49
CA PHE A 241 -13.51 -26.01 -22.26
C PHE A 241 -15.03 -26.08 -22.43
N ASN A 242 -15.66 -26.85 -21.51
CA ASN A 242 -17.09 -27.27 -21.57
C ASN A 242 -17.38 -28.18 -22.81
N LEU A 243 -16.38 -28.33 -23.69
CA LEU A 243 -16.58 -28.75 -25.10
C LEU A 243 -16.23 -30.21 -25.45
N GLY A 250 -26.22 -26.63 -25.52
CA GLY A 250 -25.73 -25.53 -26.30
C GLY A 250 -24.19 -25.63 -26.47
N TYR A 251 -23.77 -25.68 -27.74
CA TYR A 251 -22.44 -25.20 -28.16
C TYR A 251 -22.25 -23.73 -27.69
N ILE A 252 -23.31 -22.91 -27.83
CA ILE A 252 -23.27 -21.49 -27.51
C ILE A 252 -22.97 -21.24 -26.04
N GLN A 253 -23.78 -21.88 -25.20
CA GLN A 253 -23.69 -21.88 -23.75
C GLN A 253 -22.32 -22.32 -23.29
N ALA A 254 -21.74 -23.34 -23.93
CA ALA A 254 -20.39 -23.78 -23.65
C ALA A 254 -19.36 -22.67 -23.88
N VAL A 255 -19.46 -21.97 -25.03
CA VAL A 255 -18.62 -20.82 -25.27
C VAL A 255 -18.84 -19.74 -24.22
N LEU A 256 -20.09 -19.48 -23.87
CA LEU A 256 -20.38 -18.35 -22.93
C LEU A 256 -19.91 -18.70 -21.49
N ASP A 257 -19.84 -20.00 -21.14
CA ASP A 257 -19.41 -20.40 -19.83
C ASP A 257 -17.91 -20.31 -19.67
N ARG A 258 -17.17 -19.96 -20.73
CA ARG A 258 -15.74 -19.70 -20.55
C ARG A 258 -15.46 -18.58 -19.51
N ASN A 259 -16.42 -17.68 -19.36
CA ASN A 259 -16.41 -16.66 -18.33
C ASN A 259 -16.28 -17.19 -16.90
N LEU A 260 -16.91 -18.30 -16.58
CA LEU A 260 -16.67 -18.82 -15.25
C LEU A 260 -15.17 -18.95 -14.96
N ALA A 261 -14.36 -19.48 -15.88
CA ALA A 261 -12.92 -19.60 -15.58
C ALA A 261 -12.22 -18.22 -15.55
N GLU A 262 -12.67 -17.28 -16.34
CA GLU A 262 -11.86 -16.12 -16.52
C GLU A 262 -12.18 -15.12 -15.42
N ASN A 263 -13.28 -15.38 -14.69
CA ASN A 263 -13.68 -14.55 -13.59
C ASN A 263 -12.64 -14.51 -12.51
N ILE A 264 -11.76 -15.52 -12.46
CA ILE A 264 -10.67 -15.53 -11.47
C ILE A 264 -9.84 -14.22 -11.43
N SER A 265 -9.50 -13.69 -12.59
CA SER A 265 -8.74 -12.45 -12.56
C SER A 265 -9.61 -11.21 -12.85
N ARG A 266 -10.91 -11.22 -12.53
CA ARG A 266 -11.73 -10.18 -13.08
C ARG A 266 -11.62 -8.96 -12.23
N VAL A 267 -11.59 -9.15 -10.91
CA VAL A 267 -11.79 -8.00 -10.00
C VAL A 267 -11.04 -8.11 -8.68
N LEU A 268 -10.50 -6.99 -8.23
CA LEU A 268 -9.80 -6.99 -6.99
C LEU A 268 -10.81 -6.96 -5.83
N TYR A 269 -10.68 -7.87 -4.86
CA TYR A 269 -11.45 -7.77 -3.57
C TYR A 269 -11.14 -6.56 -2.73
N PRO A 270 -12.14 -5.75 -2.45
CA PRO A 270 -11.87 -4.47 -1.81
C PRO A 270 -11.93 -4.48 -0.28
N ASN A 271 -12.02 -5.65 0.36
CA ASN A 271 -12.15 -5.73 1.83
C ASN A 271 -10.75 -5.76 2.39
N ASP A 272 -10.18 -4.67 2.89
CA ASP A 272 -8.83 -4.86 3.42
C ASP A 272 -8.72 -5.42 4.85
N ASN A 273 -9.22 -4.66 5.82
CA ASN A 273 -8.92 -5.10 7.15
C ASN A 273 -10.03 -6.00 7.77
N PHE A 274 -10.75 -6.77 6.93
CA PHE A 274 -11.73 -7.81 7.37
C PHE A 274 -11.73 -9.12 6.49
N PHE A 275 -11.54 -10.32 7.05
CA PHE A 275 -11.45 -11.50 6.19
C PHE A 275 -12.78 -12.11 5.76
N GLU A 276 -12.92 -12.33 4.47
CA GLU A 276 -14.09 -13.05 3.98
C GLU A 276 -13.66 -14.31 3.26
N GLY A 277 -14.16 -15.43 3.72
CA GLY A 277 -13.78 -16.69 3.14
C GLY A 277 -14.65 -17.07 1.93
N LYS A 278 -14.46 -16.41 0.81
CA LYS A 278 -15.18 -16.67 -0.39
C LYS A 278 -14.30 -17.48 -1.31
N GLU A 279 -14.90 -18.44 -1.99
CA GLU A 279 -14.21 -19.32 -2.90
C GLU A 279 -13.42 -18.61 -4.03
N LEU A 280 -14.05 -17.64 -4.68
CA LEU A 280 -13.40 -16.89 -5.74
C LEU A 280 -12.04 -16.31 -5.25
N ARG A 281 -12.05 -15.82 -4.00
CA ARG A 281 -10.84 -15.31 -3.37
C ARG A 281 -9.79 -16.39 -3.19
N LEU A 282 -10.19 -17.59 -2.76
CA LEU A 282 -9.23 -18.64 -2.61
C LEU A 282 -8.72 -19.05 -3.99
N LYS A 283 -9.57 -19.00 -5.00
CA LYS A 283 -9.11 -19.32 -6.35
C LYS A 283 -8.05 -18.33 -6.86
N GLN A 284 -8.17 -17.08 -6.45
CA GLN A 284 -7.27 -16.05 -6.91
C GLN A 284 -5.94 -16.33 -6.25
N GLU A 285 -5.97 -16.77 -4.99
CA GLU A 285 -4.74 -17.01 -4.25
C GLU A 285 -4.00 -18.20 -4.80
N TYR A 286 -4.73 -19.26 -5.14
CA TYR A 286 -4.05 -20.43 -5.66
C TYR A 286 -3.49 -20.15 -7.10
N PHE A 287 -4.32 -19.54 -7.92
CA PHE A 287 -3.96 -19.20 -9.29
C PHE A 287 -2.60 -18.47 -9.37
N VAL A 288 -2.35 -17.48 -8.52
CA VAL A 288 -1.15 -16.69 -8.69
C VAL A 288 0.04 -17.48 -8.17
N VAL A 289 -0.20 -18.26 -7.12
CA VAL A 289 0.83 -19.12 -6.52
C VAL A 289 1.19 -20.29 -7.44
N ALA A 290 0.21 -20.96 -8.09
CA ALA A 290 0.56 -22.06 -8.98
C ALA A 290 1.24 -21.58 -10.29
N ALA A 291 0.72 -20.52 -10.89
CA ALA A 291 1.37 -20.08 -12.15
C ALA A 291 2.82 -19.58 -11.89
N THR A 292 3.01 -18.84 -10.79
CA THR A 292 4.27 -18.28 -10.37
C THR A 292 5.33 -19.36 -10.01
N LEU A 293 4.96 -20.34 -9.19
CA LEU A 293 5.95 -21.38 -8.85
C LEU A 293 6.40 -22.18 -10.10
N GLN A 294 5.48 -22.46 -11.04
CA GLN A 294 5.93 -23.15 -12.24
C GLN A 294 6.96 -22.32 -13.01
N ASP A 295 6.75 -20.99 -13.06
CA ASP A 295 7.63 -20.09 -13.80
C ASP A 295 8.92 -20.03 -13.10
N ILE A 296 8.87 -20.01 -11.77
CA ILE A 296 10.09 -19.94 -10.99
C ILE A 296 10.93 -21.19 -11.23
N ILE A 297 10.30 -22.37 -11.12
CA ILE A 297 11.00 -23.65 -11.28
C ILE A 297 11.57 -23.80 -12.71
N ARG A 298 10.78 -23.42 -13.71
CA ARG A 298 11.24 -23.34 -15.09
C ARG A 298 12.48 -22.44 -15.28
N ARG A 299 12.47 -21.21 -14.76
CA ARG A 299 13.63 -20.36 -14.85
C ARG A 299 14.82 -21.01 -14.14
N PHE A 300 14.58 -21.66 -12.99
CA PHE A 300 15.66 -22.32 -12.27
C PHE A 300 16.31 -23.46 -13.07
N LYS A 301 15.52 -24.21 -13.83
CA LYS A 301 16.02 -25.42 -14.46
C LYS A 301 16.88 -25.07 -15.66
N SER A 302 16.78 -23.83 -16.15
CA SER A 302 17.59 -23.34 -17.27
C SER A 302 18.80 -22.54 -16.78
N SER A 303 19.55 -23.13 -15.86
CA SER A 303 20.68 -22.45 -15.19
C SER A 303 22.00 -23.09 -15.60
N THR A 313 17.02 -31.11 -11.37
CA THR A 313 17.66 -32.31 -10.78
C THR A 313 18.18 -32.03 -9.36
N ASN A 314 19.16 -31.12 -9.25
CA ASN A 314 19.65 -30.83 -7.93
C ASN A 314 18.94 -29.65 -7.28
N PHE A 315 17.95 -30.01 -6.47
CA PHE A 315 17.22 -29.02 -5.78
C PHE A 315 17.95 -28.51 -4.54
N ASP A 316 19.08 -29.09 -4.17
CA ASP A 316 19.84 -28.59 -3.01
C ASP A 316 20.25 -27.14 -3.19
N ALA A 317 20.56 -26.74 -4.41
CA ALA A 317 20.92 -25.38 -4.81
C ALA A 317 19.71 -24.41 -4.96
N PHE A 318 18.50 -24.94 -5.03
CA PHE A 318 17.31 -24.13 -5.17
C PHE A 318 17.30 -22.89 -4.25
N PRO A 319 17.43 -23.08 -2.90
CA PRO A 319 17.49 -21.91 -1.98
C PRO A 319 18.71 -20.98 -2.15
N ASP A 320 19.78 -21.42 -2.80
CA ASP A 320 20.84 -20.48 -3.16
C ASP A 320 20.52 -19.68 -4.39
N LYS A 321 19.48 -20.06 -5.11
CA LYS A 321 19.17 -19.40 -6.38
C LYS A 321 17.79 -18.75 -6.34
N VAL A 322 17.02 -19.04 -5.29
CA VAL A 322 15.65 -18.51 -5.21
C VAL A 322 15.33 -18.04 -3.82
N ALA A 323 14.80 -16.81 -3.74
CA ALA A 323 14.10 -16.36 -2.55
C ALA A 323 12.67 -16.00 -2.98
N ILE A 324 11.69 -16.43 -2.18
CA ILE A 324 10.30 -16.05 -2.35
C ILE A 324 9.77 -15.33 -1.12
N GLN A 325 9.37 -14.09 -1.29
CA GLN A 325 8.86 -13.34 -0.19
C GLN A 325 7.32 -13.35 -0.19
N LEU A 326 6.67 -13.71 0.93
CA LEU A 326 5.19 -13.69 0.93
C LEU A 326 4.66 -12.40 1.55
N ASN A 327 3.91 -11.63 0.78
CA ASN A 327 3.38 -10.35 1.21
C ASN A 327 2.10 -10.68 1.99
N ASP A 328 2.25 -10.90 3.29
CA ASP A 328 1.19 -11.41 4.13
C ASP A 328 0.83 -12.87 3.72
N THR A 329 -0.31 -13.38 4.21
CA THR A 329 -0.67 -14.77 3.99
C THR A 329 -1.45 -14.94 2.66
N HIS A 330 -1.68 -13.87 1.89
CA HIS A 330 -2.42 -14.06 0.62
C HIS A 330 -1.82 -15.16 -0.28
N PRO A 331 -0.50 -15.24 -0.40
CA PRO A 331 0.10 -16.35 -1.15
C PRO A 331 0.70 -17.41 -0.27
N SER A 332 0.13 -17.63 0.93
CA SER A 332 0.58 -18.69 1.82
C SER A 332 0.57 -20.08 1.15
N LEU A 333 -0.31 -20.31 0.18
CA LEU A 333 -0.27 -21.61 -0.52
C LEU A 333 1.03 -21.91 -1.32
N ALA A 334 1.88 -20.92 -1.58
CA ALA A 334 3.24 -21.22 -2.10
C ALA A 334 3.90 -22.34 -1.31
N ILE A 335 3.68 -22.38 0.01
CA ILE A 335 4.34 -23.40 0.86
C ILE A 335 3.91 -24.89 0.57
N PRO A 336 2.61 -25.25 0.69
CA PRO A 336 2.19 -26.57 0.30
C PRO A 336 2.35 -26.86 -1.20
N GLU A 337 2.35 -25.83 -2.03
CA GLU A 337 2.47 -26.02 -3.46
C GLU A 337 3.91 -26.36 -3.80
N LEU A 338 4.85 -25.69 -3.16
CA LEU A 338 6.25 -26.02 -3.41
C LEU A 338 6.53 -27.48 -2.93
N MET A 339 5.98 -27.87 -1.77
CA MET A 339 6.06 -29.24 -1.30
C MET A 339 5.48 -30.20 -2.34
N ARG A 340 4.29 -29.87 -2.81
CA ARG A 340 3.58 -30.66 -3.80
C ARG A 340 4.39 -30.97 -5.07
N VAL A 341 4.93 -29.90 -5.66
CA VAL A 341 5.79 -30.06 -6.82
C VAL A 341 7.04 -30.91 -6.46
N LEU A 342 7.75 -30.56 -5.38
CA LEU A 342 8.96 -31.28 -4.98
C LEU A 342 8.68 -32.74 -4.65
N VAL A 343 7.62 -33.05 -3.92
CA VAL A 343 7.35 -34.42 -3.50
C VAL A 343 6.65 -35.24 -4.60
N ASP A 344 5.51 -34.76 -5.09
CA ASP A 344 4.70 -35.47 -6.08
C ASP A 344 5.28 -35.43 -7.47
N LEU A 345 5.90 -34.36 -7.91
CA LEU A 345 6.34 -34.34 -9.31
C LEU A 345 7.83 -34.57 -9.47
N GLU A 346 8.67 -34.09 -8.56
CA GLU A 346 10.11 -34.27 -8.70
C GLU A 346 10.60 -35.44 -7.85
N ARG A 347 9.74 -35.97 -6.99
CA ARG A 347 10.04 -37.21 -6.23
C ARG A 347 11.15 -37.10 -5.16
N LEU A 348 11.39 -35.91 -4.66
CA LEU A 348 12.23 -35.75 -3.50
C LEU A 348 11.51 -36.35 -2.33
N ASP A 349 12.25 -36.74 -1.33
CA ASP A 349 11.60 -37.21 -0.16
C ASP A 349 11.16 -35.98 0.65
N TRP A 350 10.16 -36.22 1.48
CA TRP A 350 9.59 -35.23 2.34
C TRP A 350 10.57 -34.32 3.03
N ASP A 351 11.47 -34.86 3.84
CA ASP A 351 12.37 -34.05 4.66
C ASP A 351 13.26 -33.11 3.86
N LYS A 352 13.70 -33.56 2.70
CA LYS A 352 14.57 -32.76 1.90
C LYS A 352 13.77 -31.62 1.20
N ALA A 353 12.55 -31.95 0.75
CA ALA A 353 11.64 -31.00 0.20
C ALA A 353 11.28 -29.95 1.24
N TRP A 354 11.09 -30.37 2.47
CA TRP A 354 10.81 -29.42 3.52
C TRP A 354 11.94 -28.44 3.80
N GLU A 355 13.16 -28.94 3.84
CA GLU A 355 14.35 -28.12 4.04
C GLU A 355 14.47 -27.07 2.98
N VAL A 356 14.24 -27.48 1.73
CA VAL A 356 14.29 -26.57 0.61
C VAL A 356 13.17 -25.49 0.73
N THR A 357 11.95 -25.92 1.02
CA THR A 357 10.86 -25.01 1.19
C THR A 357 11.13 -23.91 2.26
N VAL A 358 11.64 -24.34 3.41
CA VAL A 358 11.80 -23.46 4.55
C VAL A 358 12.90 -22.43 4.21
N LYS A 359 13.98 -22.90 3.60
CA LYS A 359 15.07 -22.06 3.22
C LYS A 359 14.74 -21.11 2.04
N THR A 360 13.73 -21.49 1.26
CA THR A 360 13.24 -20.61 0.21
C THR A 360 12.30 -19.48 0.63
N CYS A 361 11.37 -19.79 1.53
CA CYS A 361 10.24 -18.87 1.84
C CYS A 361 10.46 -18.02 3.04
N ALA A 362 9.92 -16.82 2.96
CA ALA A 362 9.97 -15.88 4.06
C ALA A 362 8.60 -15.17 4.13
N TYR A 363 8.16 -14.77 5.34
CA TYR A 363 6.80 -14.30 5.48
C TYR A 363 6.79 -12.96 6.20
N THR A 364 6.10 -11.96 5.64
CA THR A 364 5.89 -10.66 6.30
C THR A 364 4.44 -10.48 6.76
N ASN A 365 4.23 -10.12 8.02
CA ASN A 365 2.92 -9.92 8.59
C ASN A 365 2.65 -8.48 8.62
N HIS A 366 1.40 -8.11 8.35
CA HIS A 366 1.09 -6.69 8.28
C HIS A 366 -0.05 -6.22 9.22
N THR A 367 -0.52 -7.05 10.12
CA THR A 367 -1.61 -6.63 11.00
C THR A 367 -1.74 -7.60 12.17
N VAL A 368 -2.32 -7.11 13.26
CA VAL A 368 -2.58 -7.97 14.38
C VAL A 368 -4.08 -8.01 14.66
N LEU A 369 -4.89 -7.28 13.88
CA LEU A 369 -6.35 -7.32 14.01
C LEU A 369 -6.85 -8.74 13.74
N PRO A 370 -7.56 -9.33 14.71
CA PRO A 370 -8.01 -10.75 14.68
C PRO A 370 -8.93 -11.02 13.52
N GLU A 371 -9.80 -10.10 13.21
CA GLU A 371 -10.72 -10.37 12.14
C GLU A 371 -10.11 -10.19 10.74
N ALA A 372 -8.88 -9.69 10.68
CA ALA A 372 -8.19 -9.49 9.40
C ALA A 372 -7.47 -10.80 8.96
N LEU A 373 -7.19 -11.72 9.92
CA LEU A 373 -6.36 -12.89 9.67
C LEU A 373 -7.10 -13.94 8.86
N GLU A 374 -6.41 -14.59 7.92
CA GLU A 374 -7.05 -15.55 7.03
C GLU A 374 -7.17 -16.88 7.72
N ARG A 375 -8.37 -17.43 7.72
CA ARG A 375 -8.62 -18.70 8.36
C ARG A 375 -9.55 -19.51 7.51
N TRP A 376 -9.03 -20.32 6.64
CA TRP A 376 -9.86 -20.90 5.63
C TRP A 376 -10.60 -22.15 6.14
N PRO A 377 -11.93 -22.22 5.95
CA PRO A 377 -12.66 -23.46 6.23
C PRO A 377 -12.04 -24.63 5.48
N VAL A 378 -11.76 -25.70 6.21
CA VAL A 378 -11.34 -26.96 5.67
C VAL A 378 -12.27 -27.52 4.57
N HIS A 379 -13.59 -27.36 4.64
CA HIS A 379 -14.47 -27.91 3.55
C HIS A 379 -14.19 -27.22 2.23
N LEU A 380 -13.79 -25.95 2.26
CA LEU A 380 -13.32 -25.26 1.05
C LEU A 380 -12.06 -25.88 0.44
N LEU A 381 -11.04 -26.09 1.24
CA LEU A 381 -9.74 -26.56 0.71
C LEU A 381 -9.91 -27.98 0.23
N GLU A 382 -10.68 -28.75 0.95
CA GLU A 382 -10.99 -30.11 0.63
C GLU A 382 -11.60 -30.26 -0.75
N THR A 383 -12.54 -29.40 -1.10
CA THR A 383 -13.17 -29.48 -2.42
C THR A 383 -12.24 -28.95 -3.50
N LEU A 384 -11.59 -27.81 -3.23
CA LEU A 384 -10.91 -27.03 -4.27
C LEU A 384 -9.48 -27.49 -4.44
N LEU A 385 -8.84 -27.90 -3.36
CA LEU A 385 -7.41 -28.25 -3.38
C LEU A 385 -7.16 -29.46 -2.52
N PRO A 386 -7.72 -30.62 -2.90
CA PRO A 386 -7.66 -31.70 -1.91
C PRO A 386 -6.26 -32.23 -1.62
N ARG A 387 -5.33 -32.19 -2.57
CA ARG A 387 -3.95 -32.57 -2.23
C ARG A 387 -3.26 -31.60 -1.25
N HIS A 388 -3.42 -30.29 -1.46
CA HIS A 388 -2.84 -29.28 -0.60
C HIS A 388 -3.37 -29.47 0.82
N LEU A 389 -4.63 -29.89 1.00
CA LEU A 389 -5.06 -30.09 2.39
C LEU A 389 -4.28 -31.26 3.03
N GLN A 390 -3.98 -32.32 2.26
CA GLN A 390 -3.26 -33.46 2.81
C GLN A 390 -1.87 -33.02 3.18
N ILE A 391 -1.32 -32.13 2.36
CA ILE A 391 0.04 -31.71 2.61
C ILE A 391 0.05 -30.86 3.87
N ILE A 392 -1.01 -30.08 4.05
CA ILE A 392 -1.08 -29.21 5.20
C ILE A 392 -1.19 -30.04 6.49
N TYR A 393 -1.99 -31.12 6.47
CA TYR A 393 -2.18 -32.01 7.66
C TYR A 393 -0.86 -32.65 8.07
N GLU A 394 -0.07 -33.02 7.06
CA GLU A 394 1.20 -33.63 7.25
C GLU A 394 2.15 -32.59 7.77
N ILE A 395 2.08 -31.36 7.26
CA ILE A 395 2.95 -30.32 7.80
C ILE A 395 2.64 -30.11 9.28
N ASN A 396 1.34 -30.01 9.60
CA ASN A 396 0.87 -29.78 10.96
C ASN A 396 1.36 -30.85 11.97
N GLN A 397 1.22 -32.10 11.58
CA GLN A 397 1.60 -33.23 12.39
C GLN A 397 3.11 -33.20 12.70
N ARG A 398 3.93 -33.06 11.66
CA ARG A 398 5.35 -33.00 11.91
C ARG A 398 5.71 -31.80 12.75
N PHE A 399 4.99 -30.71 12.57
CA PHE A 399 5.26 -29.51 13.33
C PHE A 399 4.87 -29.69 14.80
N LEU A 400 3.72 -30.30 15.02
CA LEU A 400 3.23 -30.48 16.38
C LEU A 400 4.12 -31.44 17.12
N ASN A 401 4.77 -32.39 16.42
CA ASN A 401 5.77 -33.24 17.07
C ASN A 401 7.05 -32.52 17.46
N ARG A 402 7.45 -31.49 16.76
CA ARG A 402 8.58 -30.71 17.29
C ARG A 402 8.13 -29.93 18.53
N VAL A 403 6.89 -29.43 18.55
CA VAL A 403 6.40 -28.70 19.71
C VAL A 403 6.31 -29.64 20.92
N ALA A 404 5.68 -30.81 20.73
CA ALA A 404 5.55 -31.81 21.80
C ALA A 404 6.90 -32.11 22.38
N ALA A 405 7.92 -32.23 21.54
CA ALA A 405 9.24 -32.64 22.02
C ALA A 405 9.98 -31.53 22.70
N ALA A 406 9.63 -30.26 22.45
CA ALA A 406 10.37 -29.19 23.12
C ALA A 406 9.65 -28.68 24.39
N PHE A 407 8.32 -28.83 24.44
CA PHE A 407 7.51 -28.44 25.58
C PHE A 407 6.68 -29.67 26.01
N PRO A 408 7.37 -30.72 26.52
CA PRO A 408 6.59 -31.97 26.74
C PRO A 408 5.49 -31.77 27.78
N GLY A 409 4.32 -32.30 27.48
CA GLY A 409 3.16 -32.19 28.37
C GLY A 409 2.38 -30.90 28.29
N ASP A 410 2.81 -29.94 27.49
CA ASP A 410 2.09 -28.69 27.40
C ASP A 410 1.02 -28.81 26.35
N VAL A 411 -0.10 -29.45 26.74
CA VAL A 411 -1.16 -29.72 25.78
C VAL A 411 -1.81 -28.45 25.34
N ASP A 412 -1.90 -27.43 26.19
CA ASP A 412 -2.50 -26.20 25.67
C ASP A 412 -1.65 -25.53 24.53
N ARG A 413 -0.33 -25.57 24.65
CA ARG A 413 0.51 -25.07 23.60
C ARG A 413 0.12 -25.77 22.28
N LEU A 414 0.01 -27.10 22.32
CA LEU A 414 -0.36 -27.88 21.14
C LEU A 414 -1.62 -27.36 20.44
N ARG A 415 -2.73 -27.13 21.16
CA ARG A 415 -3.88 -26.60 20.44
C ARG A 415 -3.75 -25.15 19.95
N ARG A 416 -3.11 -24.27 20.72
CA ARG A 416 -2.86 -22.91 20.30
C ARG A 416 -1.95 -22.84 19.05
N MET A 417 -0.99 -23.74 18.92
CA MET A 417 -0.04 -23.64 17.83
C MET A 417 -0.50 -24.43 16.61
N SER A 418 -1.52 -25.27 16.74
CA SER A 418 -1.90 -26.09 15.60
C SER A 418 -2.15 -25.23 14.32
N LEU A 419 -1.77 -25.70 13.14
CA LEU A 419 -2.26 -25.03 11.93
C LEU A 419 -3.75 -25.20 11.77
N VAL A 420 -4.31 -26.21 12.45
CA VAL A 420 -5.71 -26.55 12.28
C VAL A 420 -6.51 -26.02 13.46
N GLU A 421 -7.38 -25.06 13.25
CA GLU A 421 -8.30 -24.66 14.32
C GLU A 421 -9.56 -25.50 14.43
N GLU A 422 -9.78 -26.00 15.63
CA GLU A 422 -10.94 -26.82 15.97
C GLU A 422 -12.15 -25.92 16.27
N GLY A 423 -13.37 -26.43 16.08
CA GLY A 423 -14.55 -25.64 16.45
C GLY A 423 -15.79 -25.92 15.66
N ALA A 424 -16.79 -25.05 15.81
CA ALA A 424 -17.97 -25.00 14.92
C ALA A 424 -17.62 -25.60 13.50
N VAL A 425 -16.80 -24.88 12.72
CA VAL A 425 -16.20 -25.36 11.45
C VAL A 425 -14.68 -25.42 11.65
N LYS A 426 -14.00 -26.46 11.19
CA LYS A 426 -12.55 -26.45 11.28
C LYS A 426 -12.00 -25.46 10.23
N ARG A 427 -10.88 -24.80 10.57
CA ARG A 427 -10.22 -23.81 9.73
C ARG A 427 -8.72 -24.04 9.67
N ILE A 428 -8.08 -23.70 8.56
CA ILE A 428 -6.62 -23.65 8.58
C ILE A 428 -6.20 -22.25 8.94
N ASN A 429 -5.28 -22.09 9.88
CA ASN A 429 -4.74 -20.73 10.21
C ASN A 429 -3.56 -20.50 9.29
N MET A 430 -3.74 -19.60 8.31
CA MET A 430 -2.70 -19.44 7.29
C MET A 430 -1.39 -18.82 7.83
N ALA A 431 -1.50 -17.89 8.76
CA ALA A 431 -0.36 -17.35 9.49
C ALA A 431 0.47 -18.44 10.15
N HIS A 432 -0.18 -19.43 10.81
CA HIS A 432 0.62 -20.48 11.45
C HIS A 432 1.34 -21.26 10.38
N LEU A 433 0.70 -21.43 9.24
CA LEU A 433 1.38 -22.17 8.13
C LEU A 433 2.62 -21.43 7.65
N CYS A 434 2.55 -20.09 7.53
CA CYS A 434 3.69 -19.30 7.03
C CYS A 434 4.86 -19.31 7.95
N ILE A 435 4.59 -19.31 9.26
CA ILE A 435 5.65 -19.32 10.23
C ILE A 435 6.32 -20.67 10.25
N ALA A 436 5.52 -21.74 10.20
CA ALA A 436 6.12 -23.09 10.18
C ALA A 436 6.99 -23.29 8.92
N GLY A 437 6.54 -22.76 7.77
CA GLY A 437 7.21 -23.09 6.50
C GLY A 437 8.18 -22.03 5.99
N SER A 438 8.54 -21.05 6.82
CA SER A 438 9.44 -19.95 6.41
C SER A 438 10.65 -19.88 7.30
N HIS A 439 11.80 -19.47 6.76
CA HIS A 439 12.99 -19.34 7.62
C HIS A 439 13.01 -17.98 8.28
N ALA A 440 12.10 -17.08 7.87
CA ALA A 440 12.03 -15.77 8.55
C ALA A 440 10.63 -15.22 8.53
N VAL A 441 10.29 -14.48 9.61
CA VAL A 441 8.98 -13.87 9.80
C VAL A 441 9.28 -12.48 10.29
N ASN A 442 8.76 -11.46 9.63
CA ASN A 442 9.06 -10.09 10.05
C ASN A 442 7.80 -9.29 10.21
N GLY A 443 7.76 -8.37 11.17
CA GLY A 443 6.78 -7.30 11.18
C GLY A 443 7.35 -6.08 10.49
N VAL A 444 6.59 -5.00 10.57
CA VAL A 444 6.75 -3.90 9.59
C VAL A 444 7.06 -2.57 10.23
N ALA A 445 7.25 -2.63 11.54
CA ALA A 445 7.76 -1.50 12.35
C ALA A 445 8.19 -2.13 13.68
N ARG A 446 9.11 -1.47 14.35
CA ARG A 446 9.72 -2.02 15.54
C ARG A 446 8.67 -2.46 16.62
N ILE A 447 7.70 -1.60 16.89
CA ILE A 447 6.79 -1.88 17.94
C ILE A 447 5.82 -3.04 17.54
N HIS A 448 5.50 -3.12 16.23
CA HIS A 448 4.63 -4.12 15.65
C HIS A 448 5.35 -5.50 15.72
N SER A 449 6.64 -5.50 15.39
CA SER A 449 7.45 -6.71 15.54
C SER A 449 7.59 -7.19 17.00
N GLU A 450 7.68 -6.25 17.96
CA GLU A 450 7.68 -6.61 19.38
C GLU A 450 6.31 -7.18 19.77
N ILE A 451 5.24 -6.58 19.32
CA ILE A 451 3.93 -7.07 19.67
C ILE A 451 3.73 -8.52 19.16
N LEU A 452 4.24 -8.83 17.94
CA LEU A 452 4.09 -10.19 17.40
C LEU A 452 4.79 -11.16 18.32
N LYS A 453 5.93 -10.75 18.87
CA LYS A 453 6.73 -11.62 19.73
C LYS A 453 6.13 -11.81 21.12
N LYS A 454 5.33 -10.85 21.58
CA LYS A 454 4.78 -10.87 22.93
C LYS A 454 3.37 -11.35 22.94
N THR A 455 2.65 -11.29 21.82
CA THR A 455 1.23 -11.63 21.84
C THR A 455 0.85 -12.73 20.82
N ILE A 456 0.26 -12.40 19.66
CA ILE A 456 -0.22 -13.46 18.76
C ILE A 456 0.79 -14.51 18.33
N PHE A 457 2.10 -14.23 18.28
CA PHE A 457 3.02 -15.30 17.91
C PHE A 457 3.97 -15.69 19.00
N LYS A 458 3.63 -15.34 20.24
CA LYS A 458 4.47 -15.66 21.39
C LYS A 458 4.94 -17.14 21.39
N ASP A 459 4.00 -18.07 21.27
CA ASP A 459 4.35 -19.49 21.26
C ASP A 459 5.44 -19.85 20.23
N PHE A 460 5.34 -19.29 19.01
CA PHE A 460 6.17 -19.60 17.89
C PHE A 460 7.52 -19.03 18.09
N TYR A 461 7.56 -17.79 18.59
CA TYR A 461 8.81 -17.16 18.97
C TYR A 461 9.61 -17.98 20.06
N GLU A 462 8.89 -18.59 21.00
CA GLU A 462 9.54 -19.38 22.08
C GLU A 462 10.10 -20.62 21.50
N LEU A 463 9.36 -21.28 20.58
CA LEU A 463 9.92 -22.36 19.73
C LEU A 463 11.12 -21.99 18.85
N GLU A 464 11.05 -20.91 18.07
CA GLU A 464 12.09 -20.56 17.10
C GLU A 464 12.42 -19.03 17.09
N PRO A 465 13.06 -18.57 18.19
CA PRO A 465 13.37 -17.15 18.31
C PRO A 465 14.14 -16.64 17.10
N HIS A 466 14.99 -17.45 16.48
CA HIS A 466 15.83 -17.02 15.39
C HIS A 466 15.04 -16.60 14.08
N LYS A 467 13.83 -17.11 13.85
CA LYS A 467 12.99 -16.66 12.73
C LYS A 467 12.49 -15.22 12.79
N PHE A 468 12.38 -14.60 13.97
CA PHE A 468 11.64 -13.34 14.04
C PHE A 468 12.53 -12.12 13.90
N GLN A 469 12.16 -11.22 12.96
CA GLN A 469 12.90 -10.01 12.66
C GLN A 469 11.95 -8.82 12.54
N ASN A 470 12.52 -7.64 12.46
CA ASN A 470 11.79 -6.45 12.16
C ASN A 470 12.35 -5.95 10.83
N LYS A 471 11.49 -5.40 9.98
CA LYS A 471 11.95 -4.60 8.85
C LYS A 471 10.97 -3.46 8.79
N THR A 472 11.31 -2.33 9.38
CA THR A 472 10.45 -1.16 9.33
C THR A 472 10.21 -0.72 7.87
N ASN A 473 8.96 -0.38 7.55
CA ASN A 473 8.54 0.01 6.24
C ASN A 473 9.28 1.31 5.84
N GLY A 474 9.17 1.70 4.57
CA GLY A 474 9.76 2.86 3.96
C GLY A 474 8.86 3.16 2.74
N ILE A 475 9.12 4.31 2.07
CA ILE A 475 8.42 4.74 0.85
C ILE A 475 9.54 5.15 -0.14
N THR A 476 9.28 5.11 -1.42
CA THR A 476 10.31 5.51 -2.37
C THR A 476 10.40 7.03 -2.55
N PRO A 477 11.57 7.59 -2.33
CA PRO A 477 11.67 9.02 -2.53
C PRO A 477 11.59 9.45 -4.00
N ARG A 478 11.63 8.51 -4.95
CA ARG A 478 11.41 8.96 -6.31
C ARG A 478 10.00 9.43 -6.50
N ARG A 479 9.00 8.56 -6.42
CA ARG A 479 7.59 9.01 -6.48
C ARG A 479 7.24 10.00 -5.36
N TRP A 480 7.73 9.81 -4.14
CA TRP A 480 7.12 10.51 -3.01
C TRP A 480 7.86 11.81 -2.66
N LEU A 481 8.73 12.24 -3.56
CA LEU A 481 9.40 13.52 -3.33
C LEU A 481 9.67 14.14 -4.70
N VAL A 482 10.58 13.52 -5.44
CA VAL A 482 10.95 14.05 -6.74
C VAL A 482 9.76 14.19 -7.69
N LEU A 483 9.00 13.11 -7.83
CA LEU A 483 7.86 13.14 -8.74
C LEU A 483 6.77 14.11 -8.28
N CYS A 484 6.38 14.03 -7.02
CA CYS A 484 5.18 14.78 -6.63
C CYS A 484 5.52 16.17 -6.11
N ASN A 485 6.78 16.39 -5.73
CA ASN A 485 7.12 17.64 -5.07
C ASN A 485 8.44 18.24 -5.65
N PRO A 486 8.45 18.56 -6.98
CA PRO A 486 9.66 18.95 -7.67
C PRO A 486 10.28 20.20 -7.06
N GLY A 487 9.46 21.14 -6.65
CA GLY A 487 9.96 22.34 -5.98
C GLY A 487 10.68 22.13 -4.64
N LEU A 488 10.25 21.17 -3.83
CA LEU A 488 10.99 20.87 -2.62
C LEU A 488 12.22 20.13 -3.04
N ALA A 489 12.13 19.16 -3.94
CA ALA A 489 13.36 18.45 -4.31
C ALA A 489 14.47 19.42 -4.81
N GLU A 490 14.04 20.47 -5.51
CA GLU A 490 14.93 21.39 -6.15
C GLU A 490 15.68 22.23 -5.10
N ILE A 491 14.98 22.79 -4.10
CA ILE A 491 15.65 23.65 -3.12
C ILE A 491 16.50 22.76 -2.26
N ILE A 492 16.13 21.51 -2.12
CA ILE A 492 17.08 20.66 -1.43
C ILE A 492 18.31 20.49 -2.26
N ALA A 493 18.13 20.19 -3.54
CA ALA A 493 19.29 19.87 -4.38
C ALA A 493 20.22 21.12 -4.52
N GLU A 494 19.67 22.32 -4.47
CA GLU A 494 20.52 23.52 -4.50
C GLU A 494 21.59 23.48 -3.42
N ARG A 495 21.23 23.10 -2.19
CA ARG A 495 22.18 23.12 -1.13
C ARG A 495 23.02 21.88 -1.02
N ILE A 496 22.44 20.71 -1.26
CA ILE A 496 23.20 19.52 -0.95
C ILE A 496 23.47 18.59 -2.12
N GLY A 497 23.03 19.02 -3.32
CA GLY A 497 23.19 18.17 -4.47
C GLY A 497 22.03 17.15 -4.61
N GLU A 498 22.24 16.19 -5.51
CA GLU A 498 21.23 15.32 -6.04
C GLU A 498 21.36 13.92 -5.50
N GLU A 499 22.52 13.63 -4.94
CA GLU A 499 22.82 12.30 -4.44
C GLU A 499 21.82 11.73 -3.39
N TYR A 500 21.03 12.58 -2.73
CA TYR A 500 20.15 12.09 -1.68
C TYR A 500 18.98 11.30 -2.28
N ILE A 501 18.67 11.55 -3.55
CA ILE A 501 17.60 10.84 -4.20
C ILE A 501 17.73 9.30 -4.14
N SER A 502 18.95 8.78 -4.17
CA SER A 502 19.20 7.35 -3.99
C SER A 502 19.92 7.00 -2.69
N ASP A 503 20.05 8.01 -1.82
CA ASP A 503 20.66 7.84 -0.56
C ASP A 503 20.03 8.81 0.39
N LEU A 504 18.83 8.52 0.84
CA LEU A 504 18.03 9.54 1.52
C LEU A 504 18.61 9.98 2.89
N ASP A 505 19.53 9.19 3.46
CA ASP A 505 20.23 9.60 4.69
C ASP A 505 20.94 10.92 4.55
N GLN A 506 21.37 11.28 3.34
CA GLN A 506 21.96 12.60 3.13
C GLN A 506 21.12 13.82 3.51
N LEU A 507 19.80 13.67 3.64
CA LEU A 507 18.98 14.76 4.10
C LEU A 507 19.36 15.35 5.49
N ARG A 508 20.00 14.53 6.33
CA ARG A 508 20.60 15.00 7.59
C ARG A 508 21.46 16.28 7.37
N LYS A 509 22.19 16.35 6.25
CA LYS A 509 22.94 17.55 5.92
C LYS A 509 22.09 18.78 5.97
N LEU A 510 20.77 18.64 5.89
CA LEU A 510 19.85 19.81 5.98
C LEU A 510 19.75 20.42 7.36
N LEU A 511 20.15 19.68 8.37
CA LEU A 511 20.13 20.23 9.70
C LEU A 511 21.03 21.49 9.83
N SER A 512 22.13 21.57 9.07
CA SER A 512 22.92 22.80 9.13
C SER A 512 22.30 24.02 8.43
N TYR A 513 21.03 23.94 8.03
CA TYR A 513 20.32 25.03 7.37
C TYR A 513 19.11 25.50 8.14
N VAL A 514 18.97 24.97 9.36
CA VAL A 514 17.78 25.19 10.20
C VAL A 514 17.69 26.62 10.71
N ASP A 515 18.84 27.26 10.87
CA ASP A 515 18.89 28.69 11.15
C ASP A 515 19.22 29.59 9.92
N ASP A 516 19.14 29.01 8.73
CA ASP A 516 19.44 29.74 7.52
C ASP A 516 18.17 30.43 7.01
N GLU A 517 18.25 31.74 6.96
CA GLU A 517 17.11 32.57 6.67
C GLU A 517 16.57 32.32 5.27
N ALA A 518 17.47 32.02 4.33
CA ALA A 518 17.03 31.87 2.95
C ALA A 518 16.29 30.54 2.79
N PHE A 519 16.92 29.46 3.26
CA PHE A 519 16.29 28.13 3.30
C PHE A 519 14.92 28.14 4.02
N ILE A 520 14.87 28.77 5.17
CA ILE A 520 13.58 28.98 5.82
C ILE A 520 12.50 29.54 4.87
N ARG A 521 12.83 30.59 4.13
CA ARG A 521 11.84 31.27 3.28
C ARG A 521 11.49 30.40 2.07
N ASP A 522 12.46 29.64 1.59
CA ASP A 522 12.26 28.73 0.49
C ASP A 522 11.44 27.50 0.87
N VAL A 523 11.77 26.83 2.00
CA VAL A 523 10.90 25.75 2.41
C VAL A 523 9.45 26.30 2.48
N ALA A 524 9.26 27.49 3.06
CA ALA A 524 7.88 27.97 3.27
C ALA A 524 7.23 28.38 1.98
N LYS A 525 8.03 28.88 1.04
CA LYS A 525 7.52 29.27 -0.27
C LYS A 525 7.02 28.05 -1.07
N VAL A 526 7.81 26.99 -1.11
CA VAL A 526 7.34 25.77 -1.72
C VAL A 526 5.97 25.26 -1.14
N LYS A 527 5.86 25.20 0.18
CA LYS A 527 4.61 24.80 0.82
C LYS A 527 3.48 25.73 0.35
N GLN A 528 3.72 27.03 0.40
CA GLN A 528 2.67 27.97 -0.05
C GLN A 528 2.26 27.69 -1.51
N GLU A 529 3.26 27.41 -2.35
CA GLU A 529 2.94 27.12 -3.76
C GLU A 529 2.07 25.85 -3.95
N ASN A 530 2.44 24.76 -3.25
CA ASN A 530 1.72 23.48 -3.30
C ASN A 530 0.32 23.69 -2.81
N LYS A 531 0.11 24.54 -1.79
CA LYS A 531 -1.23 24.81 -1.29
C LYS A 531 -2.07 25.58 -2.30
N LEU A 532 -1.47 26.60 -2.93
CA LEU A 532 -2.13 27.38 -4.00
C LEU A 532 -2.59 26.48 -5.13
N LYS A 533 -1.69 25.59 -5.55
CA LYS A 533 -1.94 24.69 -6.66
C LYS A 533 -3.07 23.71 -6.32
N PHE A 534 -3.10 23.27 -5.07
CA PHE A 534 -4.05 22.29 -4.64
C PHE A 534 -5.40 22.91 -4.41
N ALA A 535 -5.44 24.12 -3.86
CA ALA A 535 -6.69 24.92 -3.76
C ALA A 535 -7.40 25.11 -5.11
N ALA A 536 -6.58 25.25 -6.16
CA ALA A 536 -7.05 25.46 -7.49
C ALA A 536 -7.48 24.13 -8.07
N TYR A 537 -6.84 23.05 -7.68
CA TYR A 537 -7.30 21.75 -8.15
C TYR A 537 -8.67 21.50 -7.56
N LEU A 538 -8.88 21.92 -6.31
CA LEU A 538 -10.17 21.70 -5.70
C LEU A 538 -11.25 22.40 -6.49
N GLU A 539 -11.04 23.67 -6.85
CA GLU A 539 -12.04 24.47 -7.61
C GLU A 539 -12.29 24.01 -9.05
N ARG A 540 -11.25 23.90 -9.86
CA ARG A 540 -11.37 23.41 -11.24
C ARG A 540 -12.13 22.09 -11.33
N GLU A 541 -11.71 21.07 -10.56
CA GLU A 541 -12.22 19.70 -10.74
C GLU A 541 -13.34 19.22 -9.83
N TYR A 542 -13.68 20.00 -8.79
CA TYR A 542 -14.82 19.73 -7.89
C TYR A 542 -15.53 20.93 -7.25
N LYS A 543 -15.58 22.08 -7.93
CA LYS A 543 -16.29 23.33 -7.46
C LYS A 543 -16.33 23.62 -5.91
N VAL A 544 -15.16 23.86 -5.33
CA VAL A 544 -15.03 24.00 -3.86
C VAL A 544 -14.09 25.16 -3.44
N HIS A 545 -14.57 26.02 -2.52
CA HIS A 545 -13.93 27.30 -2.14
C HIS A 545 -13.10 27.29 -0.85
N ILE A 546 -11.77 27.14 -0.96
CA ILE A 546 -10.91 27.12 0.23
C ILE A 546 -9.90 28.25 0.43
N ASN A 547 -9.78 28.73 1.65
CA ASN A 547 -8.75 29.69 2.05
C ASN A 547 -7.31 29.09 2.10
N PRO A 548 -6.42 29.48 1.19
CA PRO A 548 -5.11 28.78 1.17
C PRO A 548 -4.19 29.33 2.24
N ASN A 549 -4.68 30.26 3.02
CA ASN A 549 -3.90 30.70 4.17
C ASN A 549 -4.18 29.95 5.45
N SER A 550 -5.10 28.98 5.37
CA SER A 550 -5.46 28.17 6.52
C SER A 550 -4.43 27.04 6.68
N LEU A 551 -4.34 26.49 7.88
CA LEU A 551 -3.54 25.30 8.11
C LEU A 551 -4.32 24.14 7.43
N PHE A 552 -3.63 23.36 6.62
CA PHE A 552 -4.25 22.26 5.84
C PHE A 552 -4.02 21.03 6.72
N ASP A 553 -5.11 20.59 7.34
CA ASP A 553 -5.15 19.52 8.30
C ASP A 553 -5.71 18.29 7.55
N VAL A 554 -4.84 17.32 7.27
CA VAL A 554 -5.22 16.18 6.42
C VAL A 554 -5.09 14.81 7.01
N GLN A 555 -6.20 14.08 6.84
CA GLN A 555 -6.27 12.67 7.19
C GLN A 555 -6.72 11.88 5.98
N VAL A 556 -5.76 11.20 5.33
CA VAL A 556 -6.08 10.41 4.15
C VAL A 556 -5.56 8.99 4.29
N LYS A 557 -6.44 8.01 4.11
CA LYS A 557 -6.16 6.57 4.34
C LYS A 557 -7.48 5.81 4.22
N ARG A 558 -7.43 4.49 4.11
CA ARG A 558 -8.71 3.79 4.04
C ARG A 558 -9.53 4.09 5.34
N ILE A 559 -10.88 4.10 5.19
CA ILE A 559 -11.76 4.32 6.33
C ILE A 559 -11.91 3.04 7.19
N HIS A 560 -11.43 3.10 8.43
CA HIS A 560 -11.51 1.99 9.36
C HIS A 560 -11.70 2.51 10.78
N GLU A 561 -12.48 1.82 11.61
CA GLU A 561 -12.63 2.28 13.01
C GLU A 561 -11.30 2.43 13.74
N TYR A 562 -10.35 1.53 13.49
CA TYR A 562 -9.09 1.62 14.19
C TYR A 562 -8.31 2.87 13.79
N LYS A 563 -8.53 3.41 12.61
CA LYS A 563 -7.79 4.55 12.16
C LYS A 563 -8.40 5.85 12.76
N ARG A 564 -9.59 5.70 13.38
CA ARG A 564 -10.28 6.73 14.18
C ARG A 564 -10.48 8.09 13.46
N GLN A 565 -10.88 8.03 12.19
CA GLN A 565 -11.43 9.22 11.56
C GLN A 565 -12.49 9.80 12.53
N LEU A 566 -13.20 8.95 13.30
CA LEU A 566 -14.18 9.48 14.25
C LEU A 566 -13.55 10.45 15.29
N LEU A 567 -12.33 10.16 15.74
CA LEU A 567 -11.75 11.03 16.72
C LEU A 567 -11.52 12.42 16.06
N ASN A 568 -11.11 12.41 14.79
CA ASN A 568 -10.93 13.63 14.03
C ASN A 568 -12.29 14.34 13.96
N CYS A 569 -13.34 13.60 13.69
CA CYS A 569 -14.68 14.19 13.63
C CYS A 569 -15.01 14.97 14.91
N LEU A 570 -14.66 14.41 16.06
CA LEU A 570 -14.97 14.98 17.31
C LEU A 570 -14.20 16.27 17.50
N HIS A 571 -12.92 16.30 17.08
CA HIS A 571 -12.15 17.51 17.24
C HIS A 571 -12.77 18.64 16.38
N VAL A 572 -13.11 18.30 15.12
CA VAL A 572 -13.71 19.22 14.23
C VAL A 572 -14.98 19.80 14.82
N ILE A 573 -15.87 18.97 15.36
CA ILE A 573 -17.10 19.47 15.95
C ILE A 573 -16.81 20.36 17.17
N THR A 574 -15.74 20.05 17.92
CA THR A 574 -15.38 20.83 19.11
C THR A 574 -14.97 22.24 18.71
N LEU A 575 -14.21 22.32 17.61
CA LEU A 575 -13.72 23.59 17.14
C LEU A 575 -14.93 24.41 16.70
N TYR A 576 -15.89 23.77 16.07
CA TYR A 576 -17.06 24.46 15.61
C TYR A 576 -17.84 24.98 16.80
N ASN A 577 -18.04 24.13 17.80
CA ASN A 577 -18.79 24.55 18.99
C ASN A 577 -18.04 25.66 19.76
N ARG A 578 -16.73 25.67 19.73
CA ARG A 578 -16.01 26.73 20.38
C ARG A 578 -16.15 28.09 19.63
N ILE A 579 -16.25 28.05 18.32
CA ILE A 579 -16.41 29.25 17.55
C ILE A 579 -17.79 29.79 17.84
N LYS A 580 -18.83 28.95 17.74
CA LYS A 580 -20.17 29.39 18.03
C LYS A 580 -20.32 30.00 19.45
N LYS A 581 -19.50 29.56 20.39
CA LYS A 581 -19.66 29.97 21.75
C LYS A 581 -19.09 31.40 21.90
N GLU A 582 -17.91 31.63 21.32
CA GLU A 582 -17.19 32.91 21.33
C GLU A 582 -16.82 33.31 19.92
N PRO A 583 -17.81 33.78 19.16
CA PRO A 583 -17.63 34.01 17.73
C PRO A 583 -16.54 35.01 17.43
N ASN A 584 -16.30 35.95 18.33
CA ASN A 584 -15.47 37.10 17.97
C ASN A 584 -14.06 36.96 18.48
N LYS A 585 -13.73 35.75 18.87
CA LYS A 585 -12.42 35.44 19.34
C LYS A 585 -11.56 34.88 18.17
N PHE A 586 -10.28 35.12 18.21
CA PHE A 586 -9.43 34.72 17.14
C PHE A 586 -9.12 33.24 17.27
N VAL A 587 -9.24 32.52 16.16
CA VAL A 587 -8.78 31.12 16.05
C VAL A 587 -7.92 30.95 14.79
N VAL A 588 -6.89 30.11 14.85
CA VAL A 588 -6.12 29.78 13.65
C VAL A 588 -7.08 29.05 12.68
N PRO A 589 -7.27 29.59 11.47
CA PRO A 589 -8.20 28.97 10.53
C PRO A 589 -7.66 27.64 10.01
N ARG A 590 -8.55 26.71 9.71
CA ARG A 590 -8.10 25.40 9.20
C ARG A 590 -8.97 24.99 8.11
N THR A 591 -8.34 24.32 7.15
CA THR A 591 -9.05 23.47 6.21
C THR A 591 -8.78 22.05 6.63
N VAL A 592 -9.85 21.37 7.06
CA VAL A 592 -9.77 19.98 7.51
C VAL A 592 -10.25 19.13 6.35
N MET A 593 -9.36 18.31 5.83
CA MET A 593 -9.67 17.41 4.74
C MET A 593 -9.46 15.95 5.20
N ILE A 594 -10.47 15.14 4.91
CA ILE A 594 -10.47 13.77 5.25
C ILE A 594 -10.84 13.03 4.02
N GLY A 595 -10.08 11.99 3.68
CA GLY A 595 -10.46 11.19 2.51
C GLY A 595 -10.08 9.73 2.64
N GLY A 596 -10.67 8.88 1.79
CA GLY A 596 -10.44 7.49 1.93
C GLY A 596 -11.62 6.71 1.48
N LYS A 597 -11.38 5.50 0.95
CA LYS A 597 -12.51 4.63 0.58
C LYS A 597 -12.91 3.70 1.72
N ALA A 598 -14.20 3.36 1.74
CA ALA A 598 -14.71 2.30 2.64
C ALA A 598 -14.93 1.01 1.87
N ALA A 599 -14.59 -0.13 2.46
CA ALA A 599 -14.98 -1.45 1.91
C ALA A 599 -16.47 -1.48 1.72
N PRO A 600 -16.96 -1.93 0.56
CA PRO A 600 -18.35 -1.93 0.23
C PRO A 600 -19.35 -2.56 1.24
N GLY A 601 -18.98 -3.61 1.99
CA GLY A 601 -19.95 -4.08 3.02
C GLY A 601 -19.75 -3.65 4.48
N TYR A 602 -18.86 -2.68 4.71
CA TYR A 602 -18.45 -2.25 6.04
C TYR A 602 -19.41 -1.10 6.37
N HIS A 603 -20.54 -1.48 6.94
CA HIS A 603 -21.58 -0.50 7.25
C HIS A 603 -21.04 0.71 8.06
N MET A 604 -20.30 0.45 9.13
CA MET A 604 -19.81 1.53 10.00
C MET A 604 -18.94 2.51 9.23
N ALA A 605 -18.01 2.00 8.42
CA ALA A 605 -17.16 2.85 7.59
C ALA A 605 -18.01 3.73 6.69
N LYS A 606 -19.12 3.20 6.20
CA LYS A 606 -19.96 4.01 5.34
C LYS A 606 -20.67 5.12 6.10
N MET A 607 -21.05 4.83 7.35
CA MET A 607 -21.68 5.81 8.18
C MET A 607 -20.69 6.96 8.52
N ILE A 608 -19.42 6.64 8.82
CA ILE A 608 -18.39 7.66 9.09
C ILE A 608 -18.23 8.67 7.92
N ILE A 609 -18.21 8.18 6.69
CA ILE A 609 -18.13 9.03 5.54
C ILE A 609 -19.35 9.94 5.53
N LYS A 610 -20.52 9.33 5.78
CA LYS A 610 -21.74 10.14 5.83
C LYS A 610 -21.69 11.21 6.93
N LEU A 611 -21.22 10.89 8.13
CA LEU A 611 -21.05 11.92 9.16
C LEU A 611 -20.12 13.02 8.68
N ILE A 612 -19.01 12.63 8.06
CA ILE A 612 -18.05 13.66 7.65
C ILE A 612 -18.72 14.67 6.73
N THR A 613 -19.51 14.21 5.79
CA THR A 613 -20.06 15.13 4.83
C THR A 613 -21.13 15.93 5.57
N ALA A 614 -21.86 15.28 6.48
CA ALA A 614 -22.92 15.98 7.22
C ALA A 614 -22.33 17.12 8.08
N ILE A 615 -21.17 16.90 8.71
CA ILE A 615 -20.48 17.97 9.46
C ILE A 615 -20.15 19.12 8.48
N GLY A 616 -19.61 18.79 7.30
CA GLY A 616 -19.31 19.79 6.24
C GLY A 616 -20.53 20.62 5.81
N ASP A 617 -21.67 19.97 5.64
CA ASP A 617 -22.91 20.66 5.34
C ASP A 617 -23.28 21.68 6.38
N VAL A 618 -22.95 21.43 7.65
CA VAL A 618 -23.31 22.41 8.67
C VAL A 618 -22.23 23.47 8.76
N VAL A 619 -20.99 23.02 8.86
CA VAL A 619 -19.92 23.91 9.21
C VAL A 619 -19.64 24.84 8.01
N ASN A 620 -19.64 24.29 6.80
CA ASN A 620 -19.20 25.09 5.65
C ASN A 620 -20.25 26.15 5.29
N HIS A 621 -21.45 26.03 5.83
CA HIS A 621 -22.47 27.02 5.53
C HIS A 621 -22.88 27.92 6.67
N ASP A 622 -22.11 27.94 7.76
CA ASP A 622 -22.44 28.81 8.89
C ASP A 622 -21.73 30.14 8.62
N PRO A 623 -22.52 31.24 8.48
CA PRO A 623 -21.91 32.56 8.13
C PRO A 623 -21.09 33.10 9.29
N VAL A 624 -21.46 32.70 10.50
CA VAL A 624 -20.65 33.03 11.65
C VAL A 624 -19.19 32.47 11.65
N VAL A 625 -19.00 31.33 10.99
CA VAL A 625 -17.71 30.64 10.99
C VAL A 625 -16.78 31.31 10.04
N GLY A 626 -17.34 31.70 8.90
CA GLY A 626 -16.64 32.54 7.92
C GLY A 626 -15.77 31.65 7.07
N ASP A 627 -14.51 32.05 6.88
CA ASP A 627 -13.57 31.14 6.27
C ASP A 627 -12.59 30.63 7.33
N ARG A 628 -13.06 30.52 8.57
CA ARG A 628 -12.16 30.06 9.66
C ARG A 628 -12.06 28.52 9.80
N LEU A 629 -13.13 27.83 9.37
CA LEU A 629 -13.17 26.38 9.46
C LEU A 629 -13.87 25.84 8.24
N ARG A 630 -13.16 25.02 7.49
CA ARG A 630 -13.79 24.26 6.41
C ARG A 630 -13.57 22.75 6.60
N VAL A 631 -14.57 21.96 6.29
CA VAL A 631 -14.43 20.52 6.33
C VAL A 631 -14.73 19.91 4.99
N ILE A 632 -13.70 19.36 4.37
CA ILE A 632 -13.87 18.78 3.06
C ILE A 632 -13.67 17.26 3.11
N PHE A 633 -14.55 16.51 2.46
CA PHE A 633 -14.29 15.13 2.15
C PHE A 633 -13.68 14.95 0.78
N LEU A 634 -12.42 14.53 0.72
CA LEU A 634 -11.77 14.26 -0.58
C LEU A 634 -12.19 12.91 -1.23
N GLU A 635 -12.94 13.04 -2.31
CA GLU A 635 -13.53 11.95 -3.04
C GLU A 635 -12.45 11.18 -3.80
N ASN A 636 -12.63 9.86 -3.89
CA ASN A 636 -11.80 8.97 -4.65
C ASN A 636 -10.26 9.05 -4.37
N TYR A 637 -9.91 9.11 -3.09
CA TYR A 637 -8.57 9.02 -2.72
C TYR A 637 -7.95 7.77 -3.24
N ARG A 638 -6.75 7.93 -3.84
CA ARG A 638 -6.04 6.92 -4.61
C ARG A 638 -4.63 7.49 -4.82
N VAL A 639 -3.76 6.71 -5.47
CA VAL A 639 -2.36 7.08 -5.49
C VAL A 639 -2.16 8.47 -6.16
N SER A 640 -2.88 8.74 -7.27
CA SER A 640 -2.58 9.99 -7.98
C SER A 640 -3.15 11.16 -7.22
N LEU A 641 -4.17 10.96 -6.40
CA LEU A 641 -4.69 12.03 -5.54
C LEU A 641 -3.71 12.23 -4.35
N ALA A 642 -3.08 11.15 -3.90
CA ALA A 642 -2.06 11.30 -2.87
C ALA A 642 -0.87 12.18 -3.34
N GLU A 643 -0.44 12.00 -4.59
CA GLU A 643 0.69 12.80 -5.09
C GLU A 643 0.40 14.27 -5.09
N LYS A 644 -0.87 14.65 -5.09
CA LYS A 644 -1.26 16.04 -5.09
C LYS A 644 -1.53 16.61 -3.69
N VAL A 645 -2.26 15.92 -2.83
CA VAL A 645 -2.61 16.46 -1.54
C VAL A 645 -1.45 16.40 -0.49
N ILE A 646 -0.62 15.38 -0.56
CA ILE A 646 0.46 15.23 0.42
C ILE A 646 1.44 16.41 0.34
N PRO A 647 1.93 16.77 -0.85
CA PRO A 647 2.75 18.02 -0.83
C PRO A 647 2.07 19.27 -0.29
N ALA A 648 0.74 19.33 -0.32
CA ALA A 648 0.04 20.49 0.09
C ALA A 648 -0.29 20.54 1.59
N ALA A 649 0.03 19.50 2.34
CA ALA A 649 -0.42 19.42 3.72
C ALA A 649 0.50 20.13 4.72
N ASP A 650 -0.09 20.70 5.77
CA ASP A 650 0.67 21.25 6.89
C ASP A 650 0.66 20.29 8.05
N LEU A 651 -0.50 19.66 8.32
CA LEU A 651 -0.68 18.74 9.43
C LEU A 651 -1.09 17.31 8.97
N SER A 652 -0.35 16.29 9.40
CA SER A 652 -0.60 14.91 9.07
C SER A 652 -1.25 14.19 10.29
N GLU A 653 -2.45 13.68 10.11
CA GLU A 653 -3.17 13.01 11.18
C GLU A 653 -2.94 11.48 11.11
N GLN A 654 -2.32 10.97 12.15
CA GLN A 654 -1.93 9.54 12.28
C GLN A 654 -2.35 9.08 13.66
N ILE A 655 -3.63 8.82 13.82
CA ILE A 655 -4.20 8.90 15.15
C ILE A 655 -4.91 7.61 15.50
N SER A 656 -4.40 6.50 14.97
CA SER A 656 -4.87 5.17 15.31
C SER A 656 -4.66 4.86 16.82
N THR A 657 -5.50 4.03 17.39
CA THR A 657 -5.32 3.58 18.78
C THR A 657 -4.00 2.80 18.86
N ALA A 658 -3.16 3.14 19.84
CA ALA A 658 -1.90 2.49 20.03
C ALA A 658 -2.05 0.96 19.97
N GLY A 659 -1.28 0.35 19.06
CA GLY A 659 -1.22 -1.09 18.95
C GLY A 659 -1.93 -1.66 17.73
N THR A 660 -2.61 -0.80 16.99
CA THR A 660 -3.42 -1.29 15.88
C THR A 660 -2.89 -1.06 14.50
N GLU A 661 -2.24 0.09 14.22
CA GLU A 661 -1.63 0.38 12.90
C GLU A 661 -0.24 -0.28 12.88
N ALA A 662 -0.04 -1.37 12.11
CA ALA A 662 1.21 -2.13 12.19
C ALA A 662 2.43 -1.20 11.93
N SER A 663 2.32 -0.38 10.87
CA SER A 663 3.32 0.55 10.56
C SER A 663 2.77 1.88 10.13
N GLY A 664 1.97 1.85 9.06
CA GLY A 664 1.60 3.04 8.33
C GLY A 664 2.71 3.44 7.35
N THR A 665 2.34 4.04 6.23
CA THR A 665 3.35 4.55 5.31
C THR A 665 3.01 5.91 4.79
N GLY A 666 1.71 6.24 4.80
CA GLY A 666 1.28 7.63 4.59
C GLY A 666 2.04 8.57 5.54
N ASN A 667 2.18 8.16 6.80
CA ASN A 667 2.85 9.01 7.80
C ASN A 667 4.23 9.50 7.26
N MET A 668 4.94 8.55 6.64
CA MET A 668 6.22 8.79 6.02
C MET A 668 6.11 9.72 4.78
N1 LLP A 669 -3.53 4.62 0.03
C2 LLP A 669 -2.79 5.34 -0.82
C2' LLP A 669 -3.50 5.79 -2.06
C3 LLP A 669 -1.49 5.66 -0.50
O3 LLP A 669 -0.77 6.35 -1.31
C4 LLP A 669 -0.99 5.20 0.74
C4' LLP A 669 0.44 5.47 1.18
C5 LLP A 669 -1.80 4.43 1.59
C6 LLP A 669 -3.10 4.14 1.23
C5' LLP A 669 -1.37 3.92 2.94
OP4 LLP A 669 -1.61 4.93 3.93
P LLP A 669 -1.64 4.69 5.52
OP1 LLP A 669 -1.88 6.07 6.00
OP2 LLP A 669 -2.85 3.86 5.61
OP3 LLP A 669 -0.39 4.04 5.99
N LLP A 669 5.08 9.55 3.97
CA LLP A 669 4.94 10.48 2.86
CB LLP A 669 3.75 10.07 1.98
CG LLP A 669 3.87 8.58 1.42
CD LLP A 669 2.54 8.15 0.90
CE LLP A 669 2.36 6.66 1.00
NZ LLP A 669 1.13 6.19 0.32
C LLP A 669 4.90 11.97 3.29
O LLP A 669 5.58 12.84 2.71
N PHE A 670 4.10 12.26 4.31
CA PHE A 670 3.91 13.61 4.83
C PHE A 670 5.18 14.11 5.53
N MET A 671 5.84 13.28 6.35
CA MET A 671 7.07 13.76 6.99
C MET A 671 8.08 14.26 5.92
N LEU A 672 8.14 13.55 4.78
CA LEU A 672 9.13 13.77 3.74
C LEU A 672 8.83 15.08 2.94
N ASN A 673 7.56 15.45 2.93
CA ASN A 673 7.02 16.54 2.14
C ASN A 673 6.64 17.80 2.94
N GLY A 674 7.04 17.85 4.21
CA GLY A 674 7.00 19.08 4.97
C GLY A 674 5.69 19.38 5.73
N ALA A 675 5.05 18.32 6.21
CA ALA A 675 3.91 18.55 7.07
C ALA A 675 4.40 18.10 8.41
N LEU A 676 3.85 18.68 9.46
CA LEU A 676 4.10 18.17 10.82
C LEU A 676 3.07 17.07 11.14
N THR A 677 3.44 16.19 12.07
CA THR A 677 2.63 15.05 12.42
C THR A 677 1.95 15.16 13.81
N ILE A 678 0.61 15.11 13.84
CA ILE A 678 -0.06 14.76 15.11
C ILE A 678 -0.43 13.24 15.14
N GLY A 679 0.06 12.51 16.13
CA GLY A 679 -0.37 11.13 16.25
C GLY A 679 0.01 10.48 17.58
N THR A 680 -0.43 9.24 17.71
CA THR A 680 -0.18 8.39 18.82
C THR A 680 1.11 7.62 18.61
N MET A 681 1.61 7.06 19.70
CA MET A 681 2.79 6.24 19.63
C MET A 681 2.39 4.86 19.07
N ASP A 682 2.06 4.84 17.78
CA ASP A 682 1.64 3.66 17.11
C ASP A 682 2.51 3.40 15.91
N GLY A 683 2.73 2.12 15.61
CA GLY A 683 3.40 1.81 14.31
C GLY A 683 4.70 2.56 14.14
N ALA A 684 4.91 3.15 12.97
CA ALA A 684 6.23 3.67 12.69
C ALA A 684 6.30 5.12 13.22
N ASN A 685 5.14 5.68 13.62
CA ASN A 685 5.13 7.02 14.28
C ASN A 685 6.19 7.01 15.39
N VAL A 686 6.36 5.86 16.04
CA VAL A 686 7.30 5.80 17.15
C VAL A 686 8.73 6.05 16.68
N GLU A 687 9.11 5.44 15.56
CA GLU A 687 10.46 5.58 14.97
C GLU A 687 10.61 6.93 14.32
N MET A 688 9.54 7.47 13.79
CA MET A 688 9.62 8.81 13.20
C MET A 688 10.00 9.90 14.26
N ALA A 689 9.25 9.93 15.36
CA ALA A 689 9.53 10.78 16.53
C ALA A 689 10.91 10.54 17.09
N GLU A 690 11.33 9.31 17.14
CA GLU A 690 12.58 9.04 17.70
C GLU A 690 13.67 9.61 16.75
N GLU A 691 13.52 9.46 15.42
CA GLU A 691 14.44 10.11 14.48
C GLU A 691 14.37 11.66 14.50
N ALA A 692 13.20 12.27 14.59
CA ALA A 692 13.21 13.72 14.58
C ALA A 692 13.42 14.40 15.98
N GLY A 693 13.15 13.66 17.05
CA GLY A 693 13.12 14.18 18.39
C GLY A 693 11.67 14.41 18.76
N GLU A 694 11.32 13.99 19.96
CA GLU A 694 9.95 14.10 20.45
C GLU A 694 9.40 15.50 20.48
N GLU A 695 10.26 16.50 20.71
CA GLU A 695 9.92 17.93 20.62
C GLU A 695 9.49 18.39 19.24
N ASN A 696 9.87 17.63 18.21
CA ASN A 696 9.51 18.05 16.84
C ASN A 696 8.32 17.31 16.27
N PHE A 697 7.50 16.80 17.18
CA PHE A 697 6.41 15.92 16.83
C PHE A 697 5.26 16.13 17.81
N PHE A 698 4.01 15.99 17.36
CA PHE A 698 2.91 16.19 18.31
C PHE A 698 2.31 14.84 18.75
N ILE A 699 2.87 14.29 19.81
CA ILE A 699 2.50 13.00 20.37
C ILE A 699 1.48 13.19 21.47
N PHE A 700 0.41 12.45 21.43
CA PHE A 700 -0.63 12.52 22.47
C PHE A 700 -1.16 11.06 22.67
N GLY A 701 -1.88 10.84 23.79
CA GLY A 701 -2.77 9.67 23.91
C GLY A 701 -2.10 8.52 24.63
N MET A 702 -2.91 7.51 24.94
CA MET A 702 -2.44 6.26 25.48
C MET A 702 -1.26 5.67 24.67
N ARG A 703 -0.31 5.10 25.38
CA ARG A 703 0.62 4.17 24.80
C ARG A 703 -0.02 2.77 24.83
N VAL A 704 0.62 1.81 24.14
CA VAL A 704 0.21 0.42 24.17
C VAL A 704 -0.09 -0.08 25.58
N GLU A 705 0.79 0.22 26.53
CA GLU A 705 0.65 -0.21 27.93
C GLU A 705 -0.62 0.30 28.62
N ASP A 706 -0.98 1.55 28.33
CA ASP A 706 -2.20 2.19 28.84
C ASP A 706 -3.41 1.53 28.25
N VAL A 707 -3.42 1.15 26.98
CA VAL A 707 -4.57 0.46 26.42
C VAL A 707 -4.80 -0.87 27.16
N ASP A 708 -3.75 -1.69 27.29
CA ASP A 708 -3.77 -2.90 28.08
C ASP A 708 -4.28 -2.64 29.47
N ARG A 709 -3.85 -1.59 30.15
CA ARG A 709 -4.34 -1.34 31.54
C ARG A 709 -5.82 -1.07 31.53
N LEU A 710 -6.29 -0.40 30.49
CA LEU A 710 -7.70 -0.08 30.36
C LEU A 710 -8.60 -1.31 30.04
N ASP A 711 -8.15 -2.22 29.16
CA ASP A 711 -8.87 -3.49 28.89
C ASP A 711 -8.99 -4.32 30.18
N GLN A 712 -7.92 -4.39 30.97
CA GLN A 712 -7.98 -5.18 32.19
C GLN A 712 -9.09 -4.74 33.08
N ARG A 713 -9.22 -3.45 33.29
CA ARG A 713 -10.19 -2.93 34.21
C ARG A 713 -11.58 -2.82 33.56
N GLY A 714 -11.59 -2.76 32.22
CA GLY A 714 -12.82 -2.52 31.48
C GLY A 714 -12.90 -1.09 30.95
N TYR A 715 -13.29 -0.96 29.69
CA TYR A 715 -13.45 0.35 29.13
C TYR A 715 -14.91 0.74 29.25
N ASN A 716 -15.17 1.76 30.04
CA ASN A 716 -16.45 2.36 30.21
C ASN A 716 -16.44 3.78 29.62
N ALA A 717 -17.13 3.91 28.49
CA ALA A 717 -17.19 5.15 27.77
C ALA A 717 -18.03 6.18 28.48
N GLN A 718 -19.07 5.71 29.17
CA GLN A 718 -19.95 6.56 30.01
C GLN A 718 -19.14 7.52 30.94
N GLU A 719 -18.07 7.00 31.53
CA GLU A 719 -17.21 7.76 32.40
C GLU A 719 -16.67 9.07 31.76
N TYR A 720 -16.31 9.01 30.47
CA TYR A 720 -15.76 10.16 29.76
C TYR A 720 -16.87 11.07 29.41
N TYR A 721 -17.99 10.51 29.00
CA TYR A 721 -19.17 11.30 28.71
C TYR A 721 -19.67 12.09 29.97
N ASP A 722 -19.57 11.50 31.16
CA ASP A 722 -20.02 12.18 32.39
C ASP A 722 -19.03 13.26 32.81
N ARG A 723 -17.74 13.07 32.57
CA ARG A 723 -16.74 13.99 33.09
C ARG A 723 -16.35 15.06 32.09
N ILE A 724 -16.80 15.00 30.85
CA ILE A 724 -16.28 15.99 29.87
C ILE A 724 -17.39 16.72 29.20
N PRO A 725 -17.73 17.94 29.72
CA PRO A 725 -18.88 18.71 29.19
C PRO A 725 -18.80 18.92 27.67
N GLU A 726 -17.62 19.20 27.12
CA GLU A 726 -17.49 19.38 25.65
C GLU A 726 -17.82 18.12 24.86
N LEU A 727 -17.44 16.95 25.37
CA LEU A 727 -17.83 15.66 24.75
C LEU A 727 -19.31 15.40 24.79
N ARG A 728 -19.91 15.62 25.94
CA ARG A 728 -21.37 15.39 26.13
C ARG A 728 -22.19 16.22 25.13
N GLN A 729 -21.89 17.51 25.04
CA GLN A 729 -22.49 18.33 24.03
C GLN A 729 -22.41 17.75 22.60
N ILE A 730 -21.25 17.26 22.16
CA ILE A 730 -21.14 16.65 20.83
C ILE A 730 -22.06 15.43 20.73
N ILE A 731 -22.04 14.58 21.76
CA ILE A 731 -22.90 13.41 21.74
C ILE A 731 -24.37 13.80 21.63
N GLU A 732 -24.78 14.75 22.45
CA GLU A 732 -26.14 15.17 22.37
C GLU A 732 -26.45 15.72 20.97
N GLN A 733 -25.55 16.46 20.36
CA GLN A 733 -25.84 16.99 19.03
C GLN A 733 -26.06 15.88 18.03
N LEU A 734 -25.12 14.93 17.98
CA LEU A 734 -25.26 13.69 17.18
C LEU A 734 -26.59 13.02 17.38
N SER A 735 -26.94 12.68 18.61
CA SER A 735 -28.24 12.02 18.91
C SER A 735 -29.47 12.81 18.50
N SER A 736 -29.45 14.11 18.70
CA SER A 736 -30.70 14.85 18.62
C SER A 736 -30.96 15.36 17.21
N GLY A 737 -30.03 15.12 16.28
CA GLY A 737 -30.30 15.47 14.89
C GLY A 737 -29.79 16.80 14.40
N PHE A 738 -28.93 17.42 15.20
CA PHE A 738 -28.27 18.63 14.82
C PHE A 738 -27.60 18.54 13.45
N PHE A 739 -26.96 17.42 13.15
CA PHE A 739 -26.26 17.21 11.89
C PHE A 739 -27.08 16.44 10.85
N SER A 740 -28.29 16.06 11.21
CA SER A 740 -29.19 15.38 10.27
C SER A 740 -30.66 15.84 10.53
N PRO A 741 -31.00 17.08 10.12
CA PRO A 741 -32.28 17.71 10.54
C PRO A 741 -33.46 16.91 10.02
N LYS A 742 -33.31 16.32 8.85
CA LYS A 742 -34.38 15.61 8.20
C LYS A 742 -34.53 14.14 8.60
N GLN A 743 -33.46 13.53 9.13
CA GLN A 743 -33.53 12.21 9.75
C GLN A 743 -32.86 12.41 11.08
N PRO A 744 -33.61 12.85 12.09
CA PRO A 744 -32.96 13.10 13.39
C PRO A 744 -32.17 11.91 13.99
N ASP A 745 -32.48 10.71 13.58
CA ASP A 745 -31.84 9.60 14.23
C ASP A 745 -30.84 8.89 13.26
N LEU A 746 -30.47 9.57 12.18
CA LEU A 746 -29.50 9.05 11.24
C LEU A 746 -28.23 8.41 11.83
N PHE A 747 -27.71 8.99 12.91
CA PHE A 747 -26.40 8.63 13.43
C PHE A 747 -26.49 7.80 14.67
N LYS A 748 -27.62 7.13 14.89
CA LYS A 748 -27.83 6.41 16.21
C LYS A 748 -26.85 5.25 16.32
N ASP A 749 -26.45 4.67 15.19
CA ASP A 749 -25.50 3.54 15.25
C ASP A 749 -24.10 3.93 15.78
N ILE A 750 -23.58 5.04 15.27
CA ILE A 750 -22.36 5.66 15.71
C ILE A 750 -22.37 6.00 17.19
N VAL A 751 -23.39 6.73 17.66
CA VAL A 751 -23.44 7.13 19.07
C VAL A 751 -23.47 5.90 19.96
N ASN A 752 -24.30 4.94 19.55
CA ASN A 752 -24.44 3.67 20.23
C ASN A 752 -23.10 2.93 20.28
N MET A 753 -22.39 2.88 19.18
CA MET A 753 -21.09 2.23 19.12
C MET A 753 -20.10 2.94 20.03
N LEU A 754 -19.95 4.25 19.89
CA LEU A 754 -19.14 5.07 20.78
C LEU A 754 -19.43 4.89 22.26
N MET A 755 -20.73 4.87 22.62
CA MET A 755 -21.19 4.67 24.00
C MET A 755 -21.03 3.23 24.56
N HIS A 756 -21.26 2.21 23.76
CA HIS A 756 -21.34 0.83 24.30
C HIS A 756 -20.39 -0.22 23.81
N HIS A 757 -19.86 -0.09 22.59
CA HIS A 757 -18.89 -1.07 22.09
C HIS A 757 -17.87 -0.51 21.11
N ASP A 758 -17.06 0.41 21.63
CA ASP A 758 -15.98 0.97 20.91
C ASP A 758 -14.74 0.14 21.23
N ARG A 759 -14.36 -0.75 20.34
CA ARG A 759 -13.13 -1.50 20.55
C ARG A 759 -11.92 -0.58 20.49
N PHE A 760 -12.07 0.63 19.92
CA PHE A 760 -10.90 1.51 19.75
C PHE A 760 -10.81 2.76 20.65
N LYS A 761 -11.72 2.84 21.63
CA LYS A 761 -11.51 3.74 22.76
C LYS A 761 -11.32 5.20 22.30
N VAL A 762 -12.16 5.63 21.36
CA VAL A 762 -12.17 6.99 20.88
C VAL A 762 -12.23 7.99 22.04
N PHE A 763 -13.16 7.81 22.96
CA PHE A 763 -13.27 8.80 24.01
C PHE A 763 -12.01 8.87 24.91
N ALA A 764 -11.29 7.79 25.11
CA ALA A 764 -10.18 7.84 26.06
C ALA A 764 -9.05 8.78 25.59
N ASP A 765 -8.97 9.01 24.29
CA ASP A 765 -7.87 9.81 23.78
C ASP A 765 -8.33 11.27 23.48
N TYR A 766 -9.62 11.54 23.67
CA TYR A 766 -10.24 12.76 23.24
C TYR A 766 -9.64 14.02 23.88
N GLU A 767 -9.58 14.07 25.21
CA GLU A 767 -9.03 15.24 25.92
C GLU A 767 -7.60 15.56 25.51
N GLU A 768 -6.71 14.59 25.67
CA GLU A 768 -5.33 14.76 25.25
C GLU A 768 -5.16 15.15 23.75
N TYR A 769 -6.02 14.64 22.87
CA TYR A 769 -6.02 15.03 21.47
C TYR A 769 -6.42 16.50 21.23
N VAL A 770 -7.54 16.91 21.82
CA VAL A 770 -7.92 18.34 21.76
C VAL A 770 -6.85 19.30 22.30
N LYS A 771 -6.24 18.95 23.41
CA LYS A 771 -5.17 19.73 23.96
C LYS A 771 -3.93 19.83 23.07
N CYS A 772 -3.51 18.71 22.49
CA CYS A 772 -2.36 18.66 21.64
C CYS A 772 -2.66 19.44 20.34
N GLN A 773 -3.91 19.41 19.91
CA GLN A 773 -4.34 20.20 18.75
C GLN A 773 -4.21 21.72 18.96
N GLU A 774 -4.27 22.19 20.22
CA GLU A 774 -4.10 23.62 20.55
C GLU A 774 -2.63 23.94 20.50
N ARG A 775 -1.78 23.00 20.92
CA ARG A 775 -0.37 23.21 20.74
C ARG A 775 0.04 23.38 19.29
N VAL A 776 -0.70 22.76 18.38
CA VAL A 776 -0.37 22.82 16.97
C VAL A 776 -0.77 24.20 16.46
N SER A 777 -1.99 24.63 16.77
CA SER A 777 -2.47 25.94 16.34
C SER A 777 -1.53 27.07 16.81
N ALA A 778 -1.03 26.94 18.03
CA ALA A 778 -0.10 27.88 18.62
C ALA A 778 1.16 27.89 17.81
N LEU A 779 1.75 26.73 17.46
CA LEU A 779 2.98 26.79 16.68
C LEU A 779 2.66 27.41 15.36
N TYR A 780 1.45 27.18 14.83
CA TYR A 780 1.19 27.60 13.46
C TYR A 780 1.19 29.13 13.30
N LYS A 781 0.81 29.82 14.37
CA LYS A 781 0.76 31.29 14.53
C LYS A 781 2.12 31.92 14.40
N ASN A 782 3.20 31.15 14.54
CA ASN A 782 4.57 31.61 14.41
C ASN A 782 5.28 30.90 13.24
N PRO A 783 4.99 31.34 12.01
CA PRO A 783 5.45 30.79 10.73
C PRO A 783 6.88 30.28 10.75
N ARG A 784 7.77 31.08 11.30
CA ARG A 784 9.19 30.83 11.26
C ARG A 784 9.56 29.61 12.12
N GLU A 785 8.90 29.48 13.27
CA GLU A 785 9.20 28.34 14.13
C GLU A 785 8.46 27.05 13.65
N TRP A 786 7.25 27.21 13.12
CA TRP A 786 6.67 26.16 12.38
C TRP A 786 7.65 25.63 11.31
N THR A 787 8.22 26.52 10.50
CA THR A 787 9.07 26.07 9.41
C THR A 787 10.36 25.42 9.91
N ARG A 788 10.88 25.88 11.04
CA ARG A 788 12.14 25.29 11.49
C ARG A 788 11.87 23.87 11.98
N MET A 789 10.71 23.67 12.57
CA MET A 789 10.29 22.33 12.93
C MET A 789 10.07 21.44 11.68
N VAL A 790 9.39 21.97 10.65
CA VAL A 790 9.34 21.28 9.37
C VAL A 790 10.72 20.85 8.94
N ILE A 791 11.67 21.79 8.90
CA ILE A 791 13.00 21.45 8.41
C ILE A 791 13.58 20.32 9.23
N ARG A 792 13.33 20.34 10.51
CA ARG A 792 13.89 19.26 11.36
C ARG A 792 13.27 17.89 11.07
N ASN A 793 12.02 17.89 10.57
CA ASN A 793 11.35 16.63 10.19
C ASN A 793 11.97 16.12 8.86
N ILE A 794 11.97 16.99 7.83
CA ILE A 794 12.37 16.59 6.49
C ILE A 794 13.78 16.09 6.56
N ALA A 795 14.58 16.70 7.42
CA ALA A 795 15.98 16.35 7.51
C ALA A 795 16.23 15.05 8.18
N THR A 796 15.31 14.56 9.00
CA THR A 796 15.50 13.25 9.66
C THR A 796 14.63 12.16 9.02
N SER A 797 14.14 12.42 7.81
CA SER A 797 13.19 11.47 7.25
C SER A 797 13.91 10.36 6.50
N GLY A 798 15.24 10.45 6.39
CA GLY A 798 15.99 9.47 5.61
C GLY A 798 15.76 7.98 5.93
N LYS A 799 15.65 7.63 7.23
CA LYS A 799 15.48 6.21 7.58
C LYS A 799 14.27 5.53 6.81
N PHE A 800 13.33 6.35 6.37
CA PHE A 800 12.06 5.86 5.90
C PHE A 800 12.01 5.70 4.42
N SER A 801 13.19 5.59 3.84
CA SER A 801 13.26 5.34 2.43
C SER A 801 13.15 3.84 2.29
N SER A 802 12.32 3.40 1.35
CA SER A 802 12.31 1.97 1.05
C SER A 802 13.62 1.41 0.53
N ASP A 803 14.61 2.23 0.15
CA ASP A 803 15.94 1.67 -0.20
C ASP A 803 16.59 1.07 0.99
N ARG A 804 16.51 1.77 2.12
CA ARG A 804 16.95 1.23 3.41
C ARG A 804 16.24 -0.09 3.77
N THR A 805 14.91 -0.06 3.66
CA THR A 805 14.13 -1.25 3.90
C THR A 805 14.61 -2.42 3.05
N ILE A 806 14.74 -2.18 1.74
CA ILE A 806 15.02 -3.31 0.88
C ILE A 806 16.43 -3.84 1.10
N ALA A 807 17.39 -2.94 1.33
CA ALA A 807 18.76 -3.35 1.66
C ALA A 807 18.73 -4.18 2.93
N GLN A 808 17.82 -3.91 3.88
CA GLN A 808 17.77 -4.84 5.06
C GLN A 808 17.15 -6.21 4.73
N TYR A 809 16.08 -6.25 3.93
CA TYR A 809 15.60 -7.56 3.45
C TYR A 809 16.72 -8.32 2.70
N ALA A 810 17.38 -7.61 1.80
CA ALA A 810 18.45 -8.23 1.01
C ALA A 810 19.53 -8.90 1.87
N ARG A 811 20.03 -8.15 2.86
CA ARG A 811 21.13 -8.64 3.71
C ARG A 811 20.71 -9.60 4.76
N GLU A 812 19.54 -9.39 5.37
CA GLU A 812 19.22 -10.18 6.56
C GLU A 812 18.21 -11.31 6.31
N ILE A 813 17.50 -11.28 5.16
CA ILE A 813 16.60 -12.35 4.82
C ILE A 813 16.98 -13.06 3.52
N TRP A 814 17.33 -12.33 2.46
CA TRP A 814 17.45 -12.96 1.12
C TRP A 814 18.87 -13.50 0.81
N GLY A 815 19.89 -12.89 1.44
CA GLY A 815 21.26 -13.35 1.34
C GLY A 815 21.93 -12.86 0.06
N VAL A 816 21.65 -11.62 -0.32
CA VAL A 816 22.09 -10.99 -1.57
C VAL A 816 22.52 -9.56 -1.23
N GLU A 817 23.47 -9.04 -1.99
CA GLU A 817 24.05 -7.73 -1.70
C GLU A 817 23.48 -6.75 -2.68
N PRO A 818 22.91 -5.65 -2.19
CA PRO A 818 22.55 -4.53 -3.08
C PRO A 818 23.74 -3.92 -3.84
N SER A 819 23.47 -3.13 -4.86
CA SER A 819 24.54 -2.54 -5.66
C SER A 819 24.01 -1.28 -6.37
N ARG A 820 24.72 -0.14 -6.23
CA ARG A 820 24.31 1.11 -6.91
C ARG A 820 24.94 1.28 -8.33
N GLN A 821 25.70 0.28 -8.78
CA GLN A 821 26.36 0.35 -10.09
C GLN A 821 25.42 0.34 -11.32
N ARG A 822 25.56 1.37 -12.15
CA ARG A 822 25.05 1.42 -13.51
C ARG A 822 25.36 0.11 -14.24
N LEU A 823 24.37 -0.40 -14.99
CA LEU A 823 24.63 -1.26 -16.14
C LEU A 823 24.87 -0.35 -17.33
N PRO A 824 25.60 -0.82 -18.37
CA PRO A 824 25.91 0.09 -19.51
C PRO A 824 24.68 0.45 -20.37
N ALA A 825 24.63 1.70 -20.86
CA ALA A 825 23.43 2.31 -21.51
C ALA A 825 22.90 1.68 -22.84
N1 D1K B . -2.21 -3.29 5.67
C2 D1K B . -3.02 -3.07 4.59
O2 D1K B . -3.03 -2.03 3.94
N3 D1K B . -3.91 -4.06 4.22
C4 D1K B . -3.58 -5.38 4.65
C5 D1K B . -3.03 -5.47 5.96
O5 D1K B . -4.73 -6.11 4.78
C6 D1K B . -2.20 -4.52 6.39
C7 D1K B . -3.28 -6.73 6.33
C8 D1K B . -4.19 -7.18 5.45
C9 D1K B . -4.81 -8.55 5.58
C1' D1K B . -1.28 -2.20 6.03
C10 D1K B . -3.93 -9.72 5.14
C11 D1K B . -4.63 -11.00 5.68
C2' D1K B . -1.19 -1.94 7.51
O2' D1K B . -2.49 -1.79 8.07
C3' D1K B . -0.26 -0.69 7.69
O3' D1K B . -0.05 -0.44 9.02
C4' D1K B . 1.07 -0.95 6.98
O4' D1K B . 1.80 0.30 6.99
C5' D1K B . 0.86 -1.49 5.49
O5' D1K B . 0.03 -2.64 5.49
C6' D1K B . 2.12 -2.05 4.83
O6' D1K B . 2.94 -2.81 5.76
#